data_1TX3
#
_entry.id   1TX3
#
_cell.length_a   67.120
_cell.length_b   177.670
_cell.length_c   256.360
_cell.angle_alpha   90.00
_cell.angle_beta   90.00
_cell.angle_gamma   90.00
#
_symmetry.space_group_name_H-M   'I 21 21 21'
#
loop_
_entity.id
_entity.type
_entity.pdbx_description
1 polymer "5'-D(*GP*CP*CP*GP*GP*TP*CP*GP*AP*CP*CP*GP*G)-3'"
2 polymer 'Type II restriction enzyme HindII'
3 non-polymer 'SODIUM ION'
4 water water
#
loop_
_entity_poly.entity_id
_entity_poly.type
_entity_poly.pdbx_seq_one_letter_code
_entity_poly.pdbx_strand_id
1 'polydeoxyribonucleotide' (DG)(DC)(DC)(DG)(DG)(DT)(DC)(DG)(DA)(DC)(DC)(DG)(DG) E,F,G,H
2 'polypeptide(L)'
;SFIKPIYQDINSILIGQKVKRPKSGTLSGHAAGEPFEKLVYKFLKENLSDLTFKQYEYLNDLFMKNPAIIGHEARYKLFN
SPTLLFLLSRGKAATENWSIENLFEEKQNDTADILLVKDQFYELLDVKTRNISKSAQAPNIISAYKLAQTCAKMIDNKEF
DLFDINYLEVDWELNGEDLVCVSTSFAELFKSEPSELYINWAAAMQIQFHVRDLDQGFNGTREEWAKSYLKHFVTQAEQR
AISMIDKFVKPFKKYIL
;
A,B,C,D
#
# COMPACT_ATOMS: atom_id res chain seq x y z
N SER E 1 -7.14 -13.29 -32.99
CA SER E 1 -8.48 -12.68 -32.75
C SER E 1 -9.23 -12.28 -34.02
N PHE E 2 -10.54 -12.50 -34.03
CA PHE E 2 -11.37 -12.13 -35.17
C PHE E 2 -11.89 -10.71 -34.93
N ILE E 3 -11.70 -10.20 -33.72
CA ILE E 3 -12.13 -8.87 -33.32
C ILE E 3 -11.01 -7.85 -33.50
N LYS E 4 -9.78 -8.26 -33.19
CA LYS E 4 -8.61 -7.41 -33.32
C LYS E 4 -8.64 -6.65 -34.66
N PRO E 5 -8.97 -7.35 -35.76
CA PRO E 5 -9.02 -6.72 -37.08
C PRO E 5 -10.00 -5.56 -37.22
N ILE E 6 -11.04 -5.54 -36.38
CA ILE E 6 -12.02 -4.46 -36.43
C ILE E 6 -12.20 -3.76 -35.08
N TYR E 7 -11.15 -3.76 -34.27
CA TYR E 7 -11.20 -3.13 -32.96
C TYR E 7 -11.58 -1.66 -33.06
N GLN E 8 -11.04 -0.96 -34.05
CA GLN E 8 -11.36 0.45 -34.25
C GLN E 8 -12.82 0.67 -34.66
N ASP E 9 -13.41 -0.29 -35.34
CA ASP E 9 -14.80 -0.14 -35.74
C ASP E 9 -15.72 -0.27 -34.53
N ILE E 10 -15.30 -1.08 -33.56
CA ILE E 10 -16.05 -1.31 -32.34
C ILE E 10 -15.90 -0.10 -31.41
N ASN E 11 -14.69 0.43 -31.37
CA ASN E 11 -14.36 1.57 -30.54
C ASN E 11 -15.07 2.82 -31.04
N SER E 12 -15.07 3.02 -32.35
CA SER E 12 -15.70 4.20 -32.92
C SER E 12 -17.20 4.25 -32.63
N ILE E 13 -17.84 3.09 -32.63
CA ILE E 13 -19.29 3.06 -32.37
C ILE E 13 -19.63 3.12 -30.89
N LEU E 14 -18.64 2.92 -30.03
CA LEU E 14 -18.84 2.97 -28.58
C LEU E 14 -18.55 4.34 -27.98
N ILE E 15 -17.35 4.86 -28.21
CA ILE E 15 -16.98 6.16 -27.65
C ILE E 15 -17.97 7.28 -27.97
N GLY E 16 -18.60 7.82 -26.93
CA GLY E 16 -19.54 8.91 -27.12
C GLY E 16 -21.00 8.53 -27.12
N GLN E 17 -21.29 7.24 -27.33
CA GLN E 17 -22.68 6.75 -27.34
C GLN E 17 -23.28 6.81 -25.95
N LYS E 18 -24.49 7.34 -25.85
CA LYS E 18 -25.19 7.45 -24.57
C LYS E 18 -26.33 6.45 -24.50
N VAL E 19 -26.65 6.02 -23.28
CA VAL E 19 -27.75 5.09 -23.02
C VAL E 19 -28.49 5.59 -21.79
N LYS E 20 -29.82 5.56 -21.82
CA LYS E 20 -30.60 6.01 -20.67
C LYS E 20 -30.19 5.24 -19.42
N ARG E 21 -29.92 5.97 -18.35
CA ARG E 21 -29.51 5.35 -17.08
C ARG E 21 -30.64 4.51 -16.47
N PRO E 22 -30.28 3.45 -15.72
CA PRO E 22 -31.24 2.56 -15.08
C PRO E 22 -32.36 3.28 -14.33
N ALA E 31 -25.24 -5.62 -15.05
CA ALA E 31 -24.89 -4.52 -14.17
C ALA E 31 -25.21 -3.17 -14.83
N ALA E 32 -24.64 -2.10 -14.30
CA ALA E 32 -24.87 -0.75 -14.84
C ALA E 32 -24.22 -0.58 -16.20
N GLY E 33 -23.20 -1.41 -16.47
CA GLY E 33 -22.50 -1.34 -17.75
C GLY E 33 -23.00 -2.35 -18.76
N GLU E 34 -23.94 -3.18 -18.36
CA GLU E 34 -24.50 -4.20 -19.26
C GLU E 34 -24.90 -3.66 -20.63
N PRO E 35 -25.60 -2.52 -20.66
CA PRO E 35 -26.02 -1.92 -21.93
C PRO E 35 -24.94 -1.83 -23.00
N PHE E 36 -23.68 -1.67 -22.58
CA PHE E 36 -22.58 -1.55 -23.54
C PHE E 36 -22.13 -2.90 -24.08
N GLU E 37 -22.37 -3.96 -23.32
CA GLU E 37 -21.99 -5.30 -23.74
C GLU E 37 -22.94 -5.70 -24.87
N LYS E 38 -24.22 -5.36 -24.71
CA LYS E 38 -25.20 -5.68 -25.74
C LYS E 38 -24.90 -4.96 -27.04
N LEU E 39 -24.28 -3.78 -26.93
CA LEU E 39 -23.92 -2.99 -28.10
C LEU E 39 -22.78 -3.67 -28.85
N VAL E 40 -21.87 -4.29 -28.11
CA VAL E 40 -20.76 -4.98 -28.73
C VAL E 40 -21.27 -6.20 -29.49
N TYR E 41 -22.04 -7.03 -28.80
CA TYR E 41 -22.60 -8.24 -29.38
C TYR E 41 -23.40 -7.92 -30.65
N LYS E 42 -24.31 -6.95 -30.55
CA LYS E 42 -25.14 -6.56 -31.68
C LYS E 42 -24.31 -6.14 -32.87
N PHE E 43 -23.23 -5.41 -32.59
CA PHE E 43 -22.32 -4.94 -33.63
C PHE E 43 -21.70 -6.14 -34.32
N LEU E 44 -21.10 -7.03 -33.53
CA LEU E 44 -20.48 -8.24 -34.06
C LEU E 44 -21.47 -9.12 -34.80
N LYS E 45 -22.68 -9.23 -34.26
CA LYS E 45 -23.71 -10.05 -34.87
C LYS E 45 -24.13 -9.49 -36.23
N GLU E 46 -23.80 -8.23 -36.48
CA GLU E 46 -24.15 -7.58 -37.73
C GLU E 46 -22.95 -7.40 -38.68
N ASN E 47 -21.74 -7.57 -38.15
CA ASN E 47 -20.53 -7.41 -38.95
C ASN E 47 -19.71 -8.69 -39.07
N LEU E 48 -20.09 -9.70 -38.30
CA LEU E 48 -19.43 -11.00 -38.30
C LEU E 48 -20.53 -12.02 -37.97
N SER E 49 -21.67 -11.83 -38.61
CA SER E 49 -22.84 -12.67 -38.41
C SER E 49 -22.58 -14.16 -38.29
N ASP E 50 -21.81 -14.70 -39.22
CA ASP E 50 -21.52 -16.13 -39.24
C ASP E 50 -20.50 -16.61 -38.19
N LEU E 51 -19.98 -15.68 -37.39
CA LEU E 51 -18.99 -16.04 -36.38
C LEU E 51 -19.40 -15.70 -34.95
N THR E 52 -20.32 -14.75 -34.81
CA THR E 52 -20.78 -14.29 -33.51
C THR E 52 -21.87 -15.13 -32.88
N PHE E 53 -21.65 -15.51 -31.63
CA PHE E 53 -22.58 -16.34 -30.90
C PHE E 53 -22.50 -16.08 -29.40
N LYS E 54 -23.63 -16.17 -28.72
CA LYS E 54 -23.64 -16.04 -27.27
C LYS E 54 -23.26 -17.45 -26.87
N GLN E 55 -22.50 -17.63 -25.80
CA GLN E 55 -22.12 -18.99 -25.41
C GLN E 55 -23.31 -19.94 -25.42
N TYR E 56 -24.42 -19.56 -24.78
CA TYR E 56 -25.60 -20.44 -24.76
C TYR E 56 -26.25 -20.56 -26.13
N GLU E 57 -26.00 -19.56 -26.98
CA GLU E 57 -26.55 -19.55 -28.32
C GLU E 57 -25.86 -20.62 -29.17
N TYR E 58 -24.54 -20.74 -28.99
CA TYR E 58 -23.76 -21.70 -29.73
C TYR E 58 -24.21 -23.12 -29.40
N LEU E 59 -24.35 -23.42 -28.11
CA LEU E 59 -24.77 -24.73 -27.63
C LEU E 59 -26.11 -25.17 -28.24
N ASN E 60 -27.07 -24.25 -28.32
CA ASN E 60 -28.37 -24.58 -28.89
C ASN E 60 -28.26 -24.94 -30.35
N ASP E 61 -27.54 -24.12 -31.11
CA ASP E 61 -27.35 -24.37 -32.53
C ASP E 61 -26.65 -25.70 -32.73
N LEU E 62 -25.58 -25.93 -31.98
CA LEU E 62 -24.84 -27.18 -32.06
C LEU E 62 -25.78 -28.37 -31.85
N PHE E 63 -26.57 -28.31 -30.79
CA PHE E 63 -27.52 -29.38 -30.49
C PHE E 63 -28.66 -29.43 -31.48
N MET E 64 -28.99 -28.29 -32.07
CA MET E 64 -30.08 -28.24 -33.03
C MET E 64 -29.66 -28.77 -34.40
N LYS E 65 -28.36 -28.76 -34.68
CA LYS E 65 -27.82 -29.24 -35.96
C LYS E 65 -27.57 -30.74 -35.94
N ASN E 66 -27.99 -31.40 -34.86
CA ASN E 66 -27.82 -32.83 -34.69
C ASN E 66 -28.99 -33.34 -33.85
N PRO E 67 -30.21 -33.27 -34.40
CA PRO E 67 -31.40 -33.72 -33.69
C PRO E 67 -31.42 -35.19 -33.30
N ALA E 68 -30.79 -36.02 -34.12
CA ALA E 68 -30.74 -37.46 -33.88
C ALA E 68 -29.80 -37.82 -32.74
N ILE E 69 -29.14 -36.81 -32.18
CA ILE E 69 -28.21 -37.04 -31.09
C ILE E 69 -28.84 -36.71 -29.75
N ILE E 70 -29.36 -37.74 -29.07
CA ILE E 70 -30.01 -37.58 -27.77
C ILE E 70 -29.15 -38.20 -26.67
N GLY E 71 -29.36 -37.75 -25.43
CA GLY E 71 -28.60 -38.29 -24.32
C GLY E 71 -27.36 -37.46 -24.08
N HIS E 72 -26.91 -37.38 -22.83
CA HIS E 72 -25.73 -36.58 -22.52
C HIS E 72 -24.44 -37.10 -23.15
N GLU E 73 -24.28 -38.42 -23.12
CA GLU E 73 -23.08 -39.08 -23.66
C GLU E 73 -22.82 -38.70 -25.12
N ALA E 74 -23.77 -39.03 -25.99
CA ALA E 74 -23.65 -38.73 -27.40
C ALA E 74 -23.52 -37.22 -27.63
N ARG E 75 -24.31 -36.42 -26.93
CA ARG E 75 -24.26 -34.96 -27.09
C ARG E 75 -22.92 -34.37 -26.70
N TYR E 76 -22.31 -34.90 -25.64
CA TYR E 76 -21.00 -34.41 -25.21
C TYR E 76 -19.95 -34.69 -26.27
N LYS E 77 -20.24 -35.68 -27.13
CA LYS E 77 -19.30 -36.06 -28.19
C LYS E 77 -19.24 -34.98 -29.27
N LEU E 78 -20.34 -34.24 -29.41
CA LEU E 78 -20.46 -33.19 -30.41
C LEU E 78 -19.38 -32.08 -30.33
N PHE E 79 -18.75 -31.93 -29.18
CA PHE E 79 -17.72 -30.90 -29.02
C PHE E 79 -16.38 -31.25 -29.69
N ASN E 80 -16.12 -32.54 -29.91
CA ASN E 80 -14.89 -33.01 -30.53
C ASN E 80 -13.65 -32.43 -29.85
N SER E 81 -13.80 -32.00 -28.60
CA SER E 81 -12.68 -31.43 -27.85
C SER E 81 -12.95 -31.42 -26.35
N PRO E 82 -12.11 -32.11 -25.56
CA PRO E 82 -12.23 -32.19 -24.10
C PRO E 82 -12.09 -30.83 -23.42
N THR E 83 -11.10 -30.06 -23.89
CA THR E 83 -10.82 -28.73 -23.36
C THR E 83 -11.98 -27.78 -23.61
N LEU E 84 -12.49 -27.78 -24.83
CA LEU E 84 -13.58 -26.90 -25.19
C LEU E 84 -14.85 -27.30 -24.44
N LEU E 85 -15.08 -28.60 -24.31
CA LEU E 85 -16.26 -29.11 -23.61
C LEU E 85 -16.26 -28.60 -22.16
N PHE E 86 -15.08 -28.63 -21.56
CA PHE E 86 -14.92 -28.17 -20.19
C PHE E 86 -15.25 -26.70 -20.08
N LEU E 87 -14.86 -25.93 -21.09
CA LEU E 87 -15.10 -24.50 -21.11
C LEU E 87 -16.48 -24.04 -21.55
N LEU E 88 -17.16 -24.85 -22.35
CA LEU E 88 -18.48 -24.46 -22.86
C LEU E 88 -19.70 -25.25 -22.40
N SER E 89 -19.51 -26.55 -22.12
CA SER E 89 -20.58 -27.43 -21.66
C SER E 89 -21.31 -26.90 -20.44
N ARG E 90 -22.61 -27.19 -20.36
CA ARG E 90 -23.39 -26.73 -19.22
C ARG E 90 -23.39 -27.72 -18.06
N GLY E 91 -24.29 -28.69 -18.07
CA GLY E 91 -24.33 -29.67 -17.01
C GLY E 91 -24.87 -30.99 -17.52
N LYS E 92 -24.57 -32.06 -16.80
CA LYS E 92 -25.03 -33.39 -17.19
C LYS E 92 -26.55 -33.42 -17.36
N ALA E 93 -27.27 -33.09 -16.29
CA ALA E 93 -28.73 -33.08 -16.35
C ALA E 93 -29.21 -32.10 -17.41
N ALA E 94 -28.62 -30.91 -17.42
CA ALA E 94 -28.97 -29.87 -18.39
C ALA E 94 -28.73 -30.35 -19.82
N THR E 95 -27.60 -31.02 -20.04
CA THR E 95 -27.27 -31.54 -21.36
C THR E 95 -28.23 -32.65 -21.78
N GLU E 96 -28.62 -33.46 -20.80
CA GLU E 96 -29.54 -34.56 -21.03
C GLU E 96 -30.95 -34.03 -21.29
N ASN E 97 -31.43 -33.15 -20.41
CA ASN E 97 -32.77 -32.59 -20.54
C ASN E 97 -32.94 -31.57 -21.65
N TRP E 98 -31.90 -31.28 -22.42
CA TRP E 98 -32.00 -30.29 -23.50
C TRP E 98 -32.97 -30.73 -24.58
N SER E 99 -33.65 -29.75 -25.17
CA SER E 99 -34.62 -30.03 -26.22
C SER E 99 -34.98 -28.77 -27.01
N ILE E 100 -35.63 -28.95 -28.15
CA ILE E 100 -36.03 -27.84 -29.00
C ILE E 100 -37.14 -27.04 -28.32
N GLU E 101 -37.67 -27.58 -27.23
CA GLU E 101 -38.73 -26.93 -26.48
C GLU E 101 -38.22 -26.50 -25.09
N ASN E 102 -36.97 -26.81 -24.82
CA ASN E 102 -36.35 -26.49 -23.54
C ASN E 102 -34.87 -26.15 -23.80
N LEU E 103 -34.66 -25.05 -24.51
CA LEU E 103 -33.33 -24.57 -24.89
C LEU E 103 -32.46 -24.06 -23.75
N PHE E 104 -31.19 -23.86 -24.06
CA PHE E 104 -30.22 -23.37 -23.09
C PHE E 104 -30.30 -21.85 -22.96
N GLU E 105 -30.53 -21.35 -21.75
CA GLU E 105 -30.60 -19.90 -21.53
C GLU E 105 -29.25 -19.44 -21.00
N GLU E 106 -29.07 -18.14 -20.86
CA GLU E 106 -27.80 -17.63 -20.35
C GLU E 106 -27.60 -18.11 -18.91
N LYS E 107 -26.34 -18.30 -18.53
CA LYS E 107 -25.99 -18.76 -17.18
C LYS E 107 -24.91 -17.86 -16.58
N GLN E 108 -25.18 -17.35 -15.37
CA GLN E 108 -24.28 -16.45 -14.66
C GLN E 108 -22.81 -16.86 -14.71
N ASN E 109 -22.52 -18.15 -14.62
CA ASN E 109 -21.11 -18.56 -14.65
C ASN E 109 -20.55 -18.97 -16.01
N ASP E 110 -21.27 -18.78 -17.11
CA ASP E 110 -20.70 -19.18 -18.39
C ASP E 110 -19.31 -18.56 -18.54
N THR E 111 -18.38 -19.35 -19.08
CA THR E 111 -17.01 -18.88 -19.25
C THR E 111 -16.86 -17.60 -20.07
N ALA E 112 -17.68 -17.46 -21.11
CA ALA E 112 -17.59 -16.31 -22.02
C ALA E 112 -18.88 -15.53 -22.23
N ASP E 113 -18.73 -14.28 -22.66
CA ASP E 113 -19.86 -13.40 -22.94
C ASP E 113 -20.19 -13.52 -24.42
N ILE E 114 -19.15 -13.63 -25.25
CA ILE E 114 -19.34 -13.75 -26.68
C ILE E 114 -18.38 -14.78 -27.28
N LEU E 115 -18.88 -15.57 -28.23
CA LEU E 115 -18.09 -16.58 -28.91
C LEU E 115 -17.95 -16.30 -30.40
N LEU E 116 -16.72 -16.26 -30.89
CA LEU E 116 -16.47 -16.04 -32.32
C LEU E 116 -15.70 -17.27 -32.82
N VAL E 117 -16.33 -18.06 -33.69
CA VAL E 117 -15.71 -19.26 -34.23
C VAL E 117 -15.63 -19.27 -35.75
N LYS E 118 -14.52 -19.79 -36.26
CA LYS E 118 -14.30 -19.88 -37.70
C LYS E 118 -13.11 -20.78 -37.98
N ASP E 119 -13.23 -21.64 -38.98
CA ASP E 119 -12.19 -22.60 -39.36
C ASP E 119 -11.83 -23.48 -38.17
N GLN E 120 -12.84 -23.88 -37.40
CA GLN E 120 -12.63 -24.73 -36.24
C GLN E 120 -11.84 -24.04 -35.14
N PHE E 121 -11.69 -22.73 -35.23
CA PHE E 121 -10.97 -21.98 -34.20
C PHE E 121 -11.95 -21.11 -33.41
N TYR E 122 -11.84 -21.15 -32.09
CA TYR E 122 -12.74 -20.40 -31.22
C TYR E 122 -12.07 -19.28 -30.45
N GLU E 123 -12.77 -18.16 -30.35
CA GLU E 123 -12.30 -16.99 -29.61
C GLU E 123 -13.29 -16.71 -28.48
N LEU E 124 -12.86 -16.89 -27.24
CA LEU E 124 -13.73 -16.64 -26.09
C LEU E 124 -13.60 -15.18 -25.67
N LEU E 125 -14.58 -14.36 -26.05
CA LEU E 125 -14.53 -12.95 -25.72
C LEU E 125 -15.28 -12.60 -24.45
N ASP E 126 -14.55 -12.05 -23.50
CA ASP E 126 -15.11 -11.63 -22.23
C ASP E 126 -14.92 -10.13 -22.12
N VAL E 127 -16.03 -9.39 -22.09
CA VAL E 127 -15.99 -7.92 -21.98
C VAL E 127 -16.22 -7.41 -20.58
N LYS E 128 -15.31 -6.55 -20.13
CA LYS E 128 -15.35 -5.96 -18.79
C LYS E 128 -15.75 -4.47 -18.82
N THR E 129 -16.78 -4.10 -18.07
CA THR E 129 -17.20 -2.70 -18.02
C THR E 129 -16.51 -2.06 -16.82
N ARG E 130 -16.28 -0.74 -16.90
CA ARG E 130 -15.59 -0.02 -15.84
C ARG E 130 -16.07 1.42 -15.65
N ASN E 131 -16.47 1.74 -14.42
CA ASN E 131 -16.94 3.08 -14.07
C ASN E 131 -15.71 3.98 -13.88
N ILE E 132 -15.36 4.72 -14.93
CA ILE E 132 -14.20 5.59 -14.91
C ILE E 132 -14.29 6.73 -13.88
N SER E 133 -15.46 6.88 -13.26
CA SER E 133 -15.63 7.94 -12.26
C SER E 133 -14.99 7.53 -10.93
N LYS E 134 -14.46 6.32 -10.88
CA LYS E 134 -13.84 5.83 -9.66
C LYS E 134 -12.51 5.18 -9.98
N SER E 135 -11.63 5.12 -9.00
CA SER E 135 -10.34 4.48 -9.22
C SER E 135 -10.39 3.24 -8.34
N ALA E 136 -10.91 2.16 -8.92
CA ALA E 136 -11.06 0.90 -8.19
C ALA E 136 -9.94 -0.09 -8.40
N GLN E 137 -10.09 -1.23 -7.72
CA GLN E 137 -9.13 -2.33 -7.80
C GLN E 137 -9.32 -3.03 -9.13
N ALA E 138 -8.35 -3.85 -9.51
CA ALA E 138 -8.41 -4.59 -10.75
C ALA E 138 -9.56 -5.58 -10.60
N PRO E 139 -10.45 -5.65 -11.60
CA PRO E 139 -11.61 -6.55 -11.58
C PRO E 139 -11.26 -8.02 -11.79
N ASN E 140 -12.23 -8.89 -11.53
CA ASN E 140 -12.03 -10.31 -11.74
C ASN E 140 -11.96 -10.55 -13.22
N ILE E 141 -10.97 -11.35 -13.64
CA ILE E 141 -10.77 -11.68 -15.04
C ILE E 141 -11.28 -13.07 -15.38
N ILE E 142 -10.65 -14.07 -14.76
CA ILE E 142 -11.00 -15.47 -14.95
C ILE E 142 -10.47 -16.28 -13.78
N SER E 143 -11.20 -17.33 -13.40
CA SER E 143 -10.78 -18.17 -12.29
C SER E 143 -9.40 -18.78 -12.56
N ALA E 144 -8.49 -18.60 -11.61
CA ALA E 144 -7.14 -19.13 -11.74
C ALA E 144 -7.20 -20.65 -11.77
N TYR E 145 -8.17 -21.20 -11.04
CA TYR E 145 -8.37 -22.64 -10.98
C TYR E 145 -8.90 -23.15 -12.31
N LYS E 146 -9.92 -22.47 -12.85
CA LYS E 146 -10.47 -22.87 -14.13
C LYS E 146 -9.40 -22.80 -15.22
N LEU E 147 -8.50 -21.82 -15.10
CA LEU E 147 -7.42 -21.64 -16.08
C LEU E 147 -6.44 -22.79 -15.97
N ALA E 148 -6.14 -23.18 -14.74
CA ALA E 148 -5.20 -24.27 -14.50
C ALA E 148 -5.73 -25.56 -15.14
N GLN E 149 -6.98 -25.90 -14.87
CA GLN E 149 -7.55 -27.11 -15.45
C GLN E 149 -7.53 -27.02 -16.97
N THR E 150 -7.86 -25.85 -17.50
CA THR E 150 -7.86 -25.63 -18.94
C THR E 150 -6.48 -25.91 -19.51
N CYS E 151 -5.44 -25.37 -18.87
CA CYS E 151 -4.07 -25.59 -19.32
C CYS E 151 -3.70 -27.08 -19.22
N ALA E 152 -4.21 -27.75 -18.17
CA ALA E 152 -3.93 -29.17 -17.98
C ALA E 152 -4.54 -30.00 -19.11
N LYS E 153 -5.75 -29.64 -19.52
CA LYS E 153 -6.43 -30.34 -20.60
C LYS E 153 -5.80 -30.07 -21.96
N MET E 154 -5.14 -28.92 -22.09
CA MET E 154 -4.47 -28.56 -23.33
C MET E 154 -3.28 -29.49 -23.54
N ILE E 155 -2.57 -29.75 -22.44
CA ILE E 155 -1.40 -30.62 -22.43
C ILE E 155 -1.78 -32.07 -22.70
N ASP E 156 -2.68 -32.61 -21.89
CA ASP E 156 -3.12 -34.00 -22.02
C ASP E 156 -3.73 -34.32 -23.38
N ASN E 157 -4.41 -33.35 -23.97
CA ASN E 157 -5.05 -33.56 -25.26
C ASN E 157 -4.28 -32.94 -26.41
N LYS E 158 -3.19 -32.24 -26.09
CA LYS E 158 -2.36 -31.60 -27.09
C LYS E 158 -3.18 -30.69 -28.00
N GLU E 159 -3.87 -29.73 -27.40
CA GLU E 159 -4.68 -28.77 -28.14
C GLU E 159 -4.13 -27.38 -27.88
N PHE E 160 -3.19 -26.95 -28.72
CA PHE E 160 -2.55 -25.66 -28.56
C PHE E 160 -2.91 -24.64 -29.64
N ASP E 161 -3.83 -24.97 -30.52
CA ASP E 161 -4.21 -24.05 -31.60
C ASP E 161 -5.69 -24.21 -31.82
N LEU E 162 -6.45 -24.23 -30.74
CA LEU E 162 -7.86 -24.43 -30.84
C LEU E 162 -8.66 -23.17 -30.49
N PHE E 163 -8.23 -22.48 -29.44
CA PHE E 163 -8.94 -21.29 -28.98
C PHE E 163 -8.06 -20.25 -28.30
N ASP E 164 -8.62 -19.05 -28.17
CA ASP E 164 -7.96 -17.93 -27.51
C ASP E 164 -8.94 -17.29 -26.54
N ILE E 165 -8.43 -16.71 -25.46
CA ILE E 165 -9.27 -16.05 -24.48
C ILE E 165 -8.88 -14.59 -24.46
N ASN E 166 -9.75 -13.73 -24.96
CA ASN E 166 -9.44 -12.30 -25.00
C ASN E 166 -10.42 -11.43 -24.22
N TYR E 167 -9.95 -10.26 -23.79
CA TYR E 167 -10.79 -9.34 -23.02
C TYR E 167 -10.91 -7.94 -23.60
N LEU E 168 -12.12 -7.40 -23.56
CA LEU E 168 -12.42 -6.06 -24.05
C LEU E 168 -12.88 -5.22 -22.87
N GLU E 169 -12.20 -4.12 -22.60
CA GLU E 169 -12.57 -3.24 -21.48
C GLU E 169 -13.37 -2.05 -22.00
N VAL E 170 -14.56 -1.86 -21.46
CA VAL E 170 -15.43 -0.75 -21.86
C VAL E 170 -15.51 0.26 -20.71
N ASP E 171 -14.91 1.43 -20.89
CA ASP E 171 -14.92 2.48 -19.87
C ASP E 171 -16.12 3.39 -20.03
N TRP E 172 -16.84 3.62 -18.95
CA TRP E 172 -18.01 4.49 -19.03
C TRP E 172 -18.13 5.41 -17.82
N GLU E 173 -19.09 6.31 -17.87
CA GLU E 173 -19.33 7.23 -16.78
C GLU E 173 -20.75 7.78 -16.86
N LEU E 174 -21.24 8.27 -15.73
CA LEU E 174 -22.58 8.82 -15.65
C LEU E 174 -22.56 10.30 -16.05
N ASN E 175 -23.41 10.67 -17.00
CA ASN E 175 -23.50 12.05 -17.49
C ASN E 175 -24.97 12.44 -17.56
N GLY E 176 -25.48 13.04 -16.48
CA GLY E 176 -26.86 13.45 -16.46
C GLY E 176 -27.78 12.26 -16.20
N GLU E 177 -28.69 12.01 -17.13
CA GLU E 177 -29.63 10.91 -17.00
C GLU E 177 -29.19 9.73 -17.86
N ASP E 178 -27.99 9.83 -18.43
CA ASP E 178 -27.47 8.77 -19.29
C ASP E 178 -26.10 8.27 -18.86
N LEU E 179 -25.65 7.22 -19.54
CA LEU E 179 -24.36 6.62 -19.31
C LEU E 179 -23.61 6.83 -20.63
N VAL E 180 -22.32 7.10 -20.58
CA VAL E 180 -21.58 7.31 -21.82
C VAL E 180 -20.22 6.62 -21.75
N CYS E 181 -19.85 5.96 -22.84
CA CYS E 181 -18.56 5.26 -22.91
C CYS E 181 -17.51 6.34 -23.21
N VAL E 182 -16.37 6.29 -22.53
CA VAL E 182 -15.31 7.29 -22.76
C VAL E 182 -14.01 6.73 -23.37
N SER E 183 -13.82 5.41 -23.26
CA SER E 183 -12.64 4.78 -23.82
C SER E 183 -12.79 3.26 -23.88
N THR E 184 -11.87 2.60 -24.58
CA THR E 184 -11.91 1.16 -24.73
C THR E 184 -10.50 0.56 -24.78
N SER E 185 -10.35 -0.66 -24.26
CA SER E 185 -9.07 -1.34 -24.26
C SER E 185 -9.26 -2.80 -24.65
N PHE E 186 -8.27 -3.35 -25.33
CA PHE E 186 -8.30 -4.75 -25.77
C PHE E 186 -7.01 -5.43 -25.35
N ALA E 187 -7.08 -6.73 -25.09
CA ALA E 187 -5.88 -7.48 -24.70
C ALA E 187 -6.14 -8.98 -24.80
N GLU E 188 -5.07 -9.74 -25.03
CA GLU E 188 -5.19 -11.19 -25.16
C GLU E 188 -4.45 -11.86 -24.02
N LEU E 189 -5.14 -12.77 -23.35
CA LEU E 189 -4.57 -13.49 -22.22
C LEU E 189 -3.29 -14.24 -22.51
N PHE E 190 -3.33 -15.05 -23.58
CA PHE E 190 -2.19 -15.88 -23.99
C PHE E 190 -1.02 -15.09 -24.58
N LYS E 191 -1.10 -13.77 -24.48
CA LYS E 191 -0.04 -12.90 -24.98
C LYS E 191 0.64 -12.19 -23.82
N SER E 192 0.19 -12.46 -22.60
CA SER E 192 0.79 -11.83 -21.43
C SER E 192 1.74 -12.81 -20.75
N GLU E 193 2.56 -12.30 -19.83
CA GLU E 193 3.48 -13.17 -19.13
C GLU E 193 2.69 -13.97 -18.10
N PRO E 194 2.55 -15.29 -18.32
CA PRO E 194 1.78 -16.12 -17.38
C PRO E 194 2.29 -16.07 -15.94
N SER E 195 3.60 -15.98 -15.78
CA SER E 195 4.19 -15.94 -14.44
C SER E 195 3.93 -14.63 -13.73
N GLU E 196 3.26 -13.71 -14.41
CA GLU E 196 2.97 -12.40 -13.84
C GLU E 196 1.50 -12.23 -13.44
N LEU E 197 0.64 -13.09 -13.95
CA LEU E 197 -0.78 -13.00 -13.62
C LEU E 197 -0.99 -13.02 -12.11
N TYR E 198 -1.67 -12.01 -11.58
CA TYR E 198 -1.93 -11.97 -10.14
C TYR E 198 -3.16 -12.80 -9.81
N ILE E 199 -3.02 -13.71 -8.86
CA ILE E 199 -4.13 -14.55 -8.46
C ILE E 199 -4.68 -14.14 -7.10
N ASN E 200 -5.86 -13.54 -7.10
CA ASN E 200 -6.50 -13.13 -5.84
C ASN E 200 -7.32 -14.31 -5.33
N TRP E 201 -6.77 -15.07 -4.40
CA TRP E 201 -7.46 -16.24 -3.87
C TRP E 201 -8.81 -15.92 -3.24
N ALA E 202 -8.84 -15.03 -2.26
CA ALA E 202 -10.08 -14.66 -1.59
C ALA E 202 -11.16 -14.27 -2.61
N ALA E 203 -10.76 -13.50 -3.61
CA ALA E 203 -11.68 -13.04 -4.64
C ALA E 203 -12.00 -14.12 -5.66
N ALA E 204 -12.65 -15.18 -5.19
CA ALA E 204 -13.04 -16.33 -6.01
C ALA E 204 -11.88 -16.95 -6.78
N MET E 205 -10.70 -16.91 -6.18
CA MET E 205 -9.49 -17.47 -6.83
C MET E 205 -9.30 -16.90 -8.24
N GLN E 206 -9.83 -15.70 -8.48
CA GLN E 206 -9.73 -15.05 -9.81
C GLN E 206 -8.43 -14.30 -10.06
N ILE E 207 -7.97 -14.28 -11.32
CA ILE E 207 -6.78 -13.49 -11.63
C ILE E 207 -7.34 -12.09 -11.93
N GLN E 208 -6.65 -11.05 -11.50
CA GLN E 208 -7.14 -9.69 -11.75
C GLN E 208 -6.08 -8.81 -12.43
N PHE E 209 -6.54 -7.93 -13.31
CA PHE E 209 -5.69 -6.97 -14.00
C PHE E 209 -6.55 -6.03 -14.81
N HIS E 210 -6.02 -4.84 -15.08
CA HIS E 210 -6.73 -3.85 -15.88
C HIS E 210 -6.35 -4.14 -17.32
N VAL E 211 -7.34 -4.48 -18.14
CA VAL E 211 -7.11 -4.78 -19.55
C VAL E 211 -6.18 -3.74 -20.18
N ARG E 212 -6.31 -2.50 -19.72
CA ARG E 212 -5.51 -1.38 -20.20
C ARG E 212 -4.01 -1.54 -19.96
N ASP E 213 -3.69 -2.10 -18.80
CA ASP E 213 -2.30 -2.30 -18.37
C ASP E 213 -1.73 -3.69 -18.68
N LEU E 214 -2.58 -4.61 -19.14
CA LEU E 214 -2.12 -5.96 -19.41
C LEU E 214 -0.99 -6.04 -20.43
N ASP E 215 0.14 -6.62 -20.02
CA ASP E 215 1.29 -6.76 -20.93
C ASP E 215 1.00 -7.77 -22.03
N GLN E 216 1.63 -7.56 -23.18
CA GLN E 216 1.44 -8.41 -24.34
C GLN E 216 2.78 -8.77 -24.98
N GLY E 217 3.80 -8.91 -24.15
CA GLY E 217 5.13 -9.22 -24.66
C GLY E 217 5.47 -10.68 -24.90
N PHE E 218 4.68 -11.59 -24.36
CA PHE E 218 4.96 -13.02 -24.53
C PHE E 218 5.12 -13.39 -26.00
N ASN E 219 6.18 -14.12 -26.31
CA ASN E 219 6.45 -14.55 -27.68
C ASN E 219 6.81 -16.03 -27.76
N GLY E 220 6.52 -16.76 -26.70
CA GLY E 220 6.80 -18.19 -26.66
C GLY E 220 5.67 -18.98 -27.29
N THR E 221 5.71 -20.30 -27.14
CA THR E 221 4.68 -21.18 -27.70
C THR E 221 3.46 -21.23 -26.77
N ARG E 222 2.34 -21.76 -27.28
CA ARG E 222 1.12 -21.89 -26.49
C ARG E 222 1.30 -22.98 -25.44
N GLU E 223 2.12 -23.97 -25.78
CA GLU E 223 2.39 -25.07 -24.87
C GLU E 223 3.25 -24.57 -23.71
N GLU E 224 4.24 -23.72 -24.02
CA GLU E 224 5.10 -23.16 -22.99
C GLU E 224 4.28 -22.25 -22.09
N TRP E 225 3.29 -21.58 -22.67
CA TRP E 225 2.43 -20.68 -21.90
C TRP E 225 1.68 -21.54 -20.87
N ALA E 226 1.07 -22.62 -21.36
CA ALA E 226 0.31 -23.54 -20.51
C ALA E 226 1.16 -24.07 -19.35
N LYS E 227 2.34 -24.58 -19.67
CA LYS E 227 3.22 -25.13 -18.65
C LYS E 227 3.67 -24.06 -17.66
N SER E 228 4.01 -22.88 -18.17
CA SER E 228 4.46 -21.79 -17.32
C SER E 228 3.40 -21.40 -16.30
N TYR E 229 2.19 -21.15 -16.78
CA TYR E 229 1.11 -20.75 -15.88
C TYR E 229 0.89 -21.78 -14.79
N LEU E 230 0.82 -23.04 -15.18
CA LEU E 230 0.62 -24.13 -14.23
C LEU E 230 1.66 -24.10 -13.11
N LYS E 231 2.90 -23.76 -13.44
CA LYS E 231 3.96 -23.69 -12.44
C LYS E 231 3.69 -22.52 -11.50
N HIS E 232 3.22 -21.43 -12.07
CA HIS E 232 2.90 -20.23 -11.31
C HIS E 232 1.71 -20.46 -10.40
N PHE E 233 0.74 -21.26 -10.87
CA PHE E 233 -0.45 -21.54 -10.12
C PHE E 233 -0.10 -22.34 -8.87
N VAL E 234 0.62 -23.44 -9.06
CA VAL E 234 1.05 -24.32 -7.96
C VAL E 234 1.80 -23.57 -6.87
N THR E 235 2.84 -22.82 -7.29
CA THR E 235 3.64 -22.05 -6.36
C THR E 235 2.77 -21.08 -5.56
N GLN E 236 1.92 -20.33 -6.24
CA GLN E 236 1.06 -19.38 -5.54
C GLN E 236 0.13 -20.06 -4.55
N ALA E 237 -0.41 -21.21 -4.95
CA ALA E 237 -1.32 -21.96 -4.08
C ALA E 237 -0.57 -22.37 -2.81
N GLU E 238 0.68 -22.79 -2.97
CA GLU E 238 1.48 -23.19 -1.81
C GLU E 238 1.71 -21.97 -0.92
N GLN E 239 2.09 -20.86 -1.54
CA GLN E 239 2.36 -19.64 -0.79
C GLN E 239 1.12 -19.14 -0.06
N ARG E 240 -0.04 -19.35 -0.68
CA ARG E 240 -1.31 -18.93 -0.09
C ARG E 240 -1.64 -19.81 1.10
N ALA E 241 -1.19 -21.07 1.08
CA ALA E 241 -1.45 -21.97 2.18
C ALA E 241 -0.69 -21.50 3.41
N ILE E 242 0.42 -20.80 3.19
CA ILE E 242 1.22 -20.29 4.30
C ILE E 242 0.65 -18.96 4.78
N SER E 243 0.28 -18.10 3.83
CA SER E 243 -0.30 -16.79 4.13
C SER E 243 -1.53 -16.89 5.02
N MET E 244 -2.34 -17.90 4.76
CA MET E 244 -3.55 -18.10 5.54
C MET E 244 -3.27 -18.31 7.01
N ILE E 245 -2.24 -19.08 7.33
CA ILE E 245 -1.92 -19.34 8.73
C ILE E 245 -1.47 -18.08 9.45
N ASP E 246 -0.58 -17.33 8.81
CA ASP E 246 -0.05 -16.11 9.40
C ASP E 246 -1.06 -14.98 9.49
N LYS E 247 -2.20 -15.14 8.81
CA LYS E 247 -3.19 -14.06 8.84
C LYS E 247 -4.56 -14.45 9.40
N PHE E 248 -4.95 -15.71 9.24
CA PHE E 248 -6.25 -16.17 9.71
C PHE E 248 -6.18 -17.16 10.88
N VAL E 249 -4.96 -17.44 11.34
CA VAL E 249 -4.78 -18.36 12.46
C VAL E 249 -3.90 -17.77 13.56
N LYS E 250 -2.62 -17.60 13.26
CA LYS E 250 -1.66 -17.07 14.23
C LYS E 250 -2.17 -15.87 15.04
N PRO E 251 -2.84 -14.90 14.39
CA PRO E 251 -3.35 -13.73 15.12
C PRO E 251 -4.61 -13.94 15.95
N PHE E 252 -5.27 -15.09 15.78
CA PHE E 252 -6.50 -15.36 16.53
C PHE E 252 -6.34 -16.52 17.52
N LYS E 253 -5.17 -17.14 17.51
CA LYS E 253 -4.89 -18.28 18.39
C LYS E 253 -4.87 -17.88 19.87
N LYS E 254 -5.11 -16.59 20.15
CA LYS E 254 -5.09 -16.09 21.53
C LYS E 254 -6.48 -15.89 22.12
N TYR E 255 -7.50 -16.36 21.42
CA TYR E 255 -8.88 -16.22 21.90
C TYR E 255 -9.52 -17.58 22.14
N ILE E 256 -8.99 -18.59 21.46
CA ILE E 256 -9.49 -19.96 21.56
C ILE E 256 -9.35 -20.53 22.96
N LEU E 257 -8.12 -20.78 23.38
CA LEU E 257 -7.87 -21.32 24.72
C LEU E 257 -8.70 -22.57 25.00
N SER F 1 -33.67 -7.55 18.23
CA SER F 1 -34.13 -7.09 16.88
C SER F 1 -35.31 -6.12 17.00
N PHE F 2 -35.26 -5.06 16.18
CA PHE F 2 -36.31 -4.05 16.16
C PHE F 2 -37.34 -4.42 15.11
N ILE F 3 -36.93 -5.24 14.14
CA ILE F 3 -37.77 -5.68 13.03
C ILE F 3 -38.62 -6.89 13.38
N LYS F 4 -38.03 -7.84 14.11
CA LYS F 4 -38.73 -9.06 14.52
C LYS F 4 -40.11 -8.77 15.14
N PRO F 5 -40.15 -7.84 16.12
CA PRO F 5 -41.44 -7.51 16.74
C PRO F 5 -42.55 -7.27 15.73
N ILE F 6 -42.20 -6.80 14.54
CA ILE F 6 -43.23 -6.55 13.52
C ILE F 6 -42.98 -7.30 12.22
N TYR F 7 -42.20 -8.39 12.28
CA TYR F 7 -41.90 -9.19 11.11
C TYR F 7 -43.15 -9.64 10.36
N GLN F 8 -44.08 -10.23 11.09
CA GLN F 8 -45.33 -10.73 10.52
C GLN F 8 -46.00 -9.68 9.63
N ASP F 9 -45.74 -8.40 9.92
CA ASP F 9 -46.31 -7.30 9.14
C ASP F 9 -45.53 -7.09 7.86
N ILE F 10 -44.20 -7.26 7.94
CA ILE F 10 -43.36 -7.10 6.77
C ILE F 10 -43.65 -8.22 5.79
N ASN F 11 -43.69 -9.45 6.32
CA ASN F 11 -43.98 -10.61 5.51
C ASN F 11 -45.29 -10.43 4.78
N SER F 12 -46.28 -9.87 5.47
CA SER F 12 -47.60 -9.63 4.88
C SER F 12 -47.56 -8.61 3.74
N ILE F 13 -46.86 -7.51 3.97
CA ILE F 13 -46.76 -6.43 2.98
C ILE F 13 -45.90 -6.79 1.76
N LEU F 14 -44.93 -7.69 1.95
CA LEU F 14 -44.05 -8.09 0.86
C LEU F 14 -44.68 -9.12 -0.07
N ILE F 15 -45.20 -10.20 0.50
CA ILE F 15 -45.83 -11.25 -0.29
C ILE F 15 -46.84 -10.63 -1.24
N GLY F 16 -46.52 -10.63 -2.53
CA GLY F 16 -47.43 -10.06 -3.51
C GLY F 16 -46.84 -8.87 -4.23
N GLN F 17 -45.85 -8.23 -3.62
CA GLN F 17 -45.23 -7.07 -4.25
C GLN F 17 -44.59 -7.50 -5.55
N LYS F 18 -44.59 -6.58 -6.52
CA LYS F 18 -44.01 -6.85 -7.83
C LYS F 18 -42.93 -5.83 -8.15
N VAL F 19 -42.00 -6.23 -9.00
CA VAL F 19 -40.92 -5.34 -9.42
C VAL F 19 -40.60 -5.61 -10.88
N LYS F 20 -40.57 -4.54 -11.67
CA LYS F 20 -40.28 -4.67 -13.09
C LYS F 20 -38.91 -5.30 -13.30
N ARG F 21 -38.90 -6.46 -13.96
CA ARG F 21 -37.67 -7.18 -14.25
C ARG F 21 -36.78 -6.33 -15.14
N PRO F 22 -35.45 -6.48 -15.02
CA PRO F 22 -34.49 -5.73 -15.82
C PRO F 22 -34.76 -5.76 -17.33
N LYS F 23 -35.53 -6.76 -17.76
CA LYS F 23 -35.89 -6.93 -19.17
C LYS F 23 -34.66 -7.15 -20.04
N THR F 26 -30.45 -10.02 -17.64
CA THR F 26 -30.36 -11.30 -16.96
C THR F 26 -31.15 -11.29 -15.67
N LEU F 27 -31.51 -12.48 -15.18
CA LEU F 27 -32.28 -12.61 -13.94
C LEU F 27 -31.42 -13.21 -12.84
N SER F 28 -30.10 -13.10 -13.00
CA SER F 28 -29.16 -13.62 -12.01
C SER F 28 -27.98 -12.68 -11.82
N GLY F 29 -27.34 -12.77 -10.66
CA GLY F 29 -26.20 -11.92 -10.38
C GLY F 29 -26.55 -10.72 -9.51
N HIS F 30 -25.52 -10.11 -8.91
CA HIS F 30 -25.71 -8.95 -8.05
C HIS F 30 -26.43 -7.85 -8.82
N ALA F 31 -26.17 -7.79 -10.13
CA ALA F 31 -26.79 -6.80 -10.99
C ALA F 31 -28.31 -6.96 -10.95
N ALA F 32 -28.79 -8.14 -11.35
CA ALA F 32 -30.22 -8.42 -11.36
C ALA F 32 -30.66 -8.77 -9.94
N GLY F 33 -30.23 -7.95 -8.99
CA GLY F 33 -30.58 -8.17 -7.61
C GLY F 33 -32.06 -7.99 -7.39
N GLU F 34 -32.42 -7.04 -6.53
CA GLU F 34 -33.82 -6.82 -6.27
C GLU F 34 -34.12 -5.55 -5.49
N PRO F 35 -34.85 -4.61 -6.11
CA PRO F 35 -35.20 -3.38 -5.42
C PRO F 35 -36.11 -3.77 -4.27
N PHE F 36 -36.29 -5.08 -4.10
CA PHE F 36 -37.10 -5.61 -3.02
C PHE F 36 -36.52 -5.07 -1.71
N GLU F 37 -35.21 -4.84 -1.71
CA GLU F 37 -34.56 -4.31 -0.53
C GLU F 37 -34.98 -2.86 -0.36
N LYS F 38 -35.26 -2.19 -1.47
CA LYS F 38 -35.71 -0.80 -1.41
C LYS F 38 -37.11 -0.82 -0.82
N LEU F 39 -37.83 -1.89 -1.15
CA LEU F 39 -39.19 -2.07 -0.67
C LEU F 39 -39.18 -2.29 0.84
N VAL F 40 -38.19 -3.02 1.31
CA VAL F 40 -38.05 -3.29 2.74
C VAL F 40 -37.75 -1.97 3.44
N TYR F 41 -36.79 -1.22 2.91
CA TYR F 41 -36.41 0.07 3.47
C TYR F 41 -37.62 0.98 3.60
N LYS F 42 -38.35 1.13 2.49
CA LYS F 42 -39.53 1.96 2.46
C LYS F 42 -40.50 1.59 3.59
N PHE F 43 -40.64 0.29 3.87
CA PHE F 43 -41.54 -0.18 4.91
C PHE F 43 -40.98 0.10 6.30
N LEU F 44 -39.70 -0.16 6.49
CA LEU F 44 -39.07 0.09 7.79
C LEU F 44 -39.04 1.59 8.07
N LYS F 45 -38.93 2.39 7.01
CA LYS F 45 -38.89 3.84 7.18
C LYS F 45 -40.27 4.35 7.60
N GLU F 46 -41.32 3.63 7.22
CA GLU F 46 -42.68 4.03 7.57
C GLU F 46 -43.07 3.62 8.99
N ASN F 47 -42.80 2.36 9.37
CA ASN F 47 -43.15 1.87 10.69
C ASN F 47 -42.09 2.11 11.76
N LEU F 48 -40.91 2.55 11.34
CA LEU F 48 -39.82 2.82 12.28
C LEU F 48 -38.96 3.92 11.71
N SER F 49 -39.57 5.08 11.49
CA SER F 49 -38.86 6.23 10.91
C SER F 49 -37.70 6.74 11.74
N ASP F 50 -37.82 6.69 13.05
CA ASP F 50 -36.75 7.17 13.92
C ASP F 50 -35.66 6.13 14.13
N LEU F 51 -35.81 4.97 13.52
CA LEU F 51 -34.81 3.92 13.69
C LEU F 51 -34.15 3.47 12.38
N THR F 52 -34.85 3.64 11.25
CA THR F 52 -34.35 3.22 9.95
C THR F 52 -33.31 4.15 9.30
N PHE F 53 -32.17 3.57 8.98
CA PHE F 53 -31.07 4.32 8.38
C PHE F 53 -30.28 3.50 7.37
N LYS F 54 -29.88 4.11 6.25
CA LYS F 54 -29.04 3.41 5.29
C LYS F 54 -27.69 3.59 5.97
N GLN F 55 -26.77 2.67 5.81
CA GLN F 55 -25.48 2.83 6.48
C GLN F 55 -24.86 4.21 6.21
N TYR F 56 -24.88 4.67 4.97
CA TYR F 56 -24.31 5.96 4.64
C TYR F 56 -25.18 7.10 5.16
N GLU F 57 -26.44 6.81 5.40
CA GLU F 57 -27.36 7.81 5.90
C GLU F 57 -27.07 8.07 7.38
N TYR F 58 -26.76 7.02 8.12
CA TYR F 58 -26.45 7.16 9.53
C TYR F 58 -25.16 7.96 9.72
N LEU F 59 -24.15 7.68 8.90
CA LEU F 59 -22.88 8.39 8.99
C LEU F 59 -23.09 9.88 8.69
N ASN F 60 -23.82 10.20 7.63
CA ASN F 60 -24.06 11.59 7.30
C ASN F 60 -24.74 12.31 8.45
N ASP F 61 -25.68 11.63 9.08
CA ASP F 61 -26.41 12.18 10.21
C ASP F 61 -25.47 12.39 11.39
N LEU F 62 -24.72 11.34 11.75
CA LEU F 62 -23.77 11.39 12.86
C LEU F 62 -22.83 12.58 12.76
N PHE F 63 -22.36 12.86 11.54
CA PHE F 63 -21.43 13.97 11.30
C PHE F 63 -22.12 15.33 11.25
N MET F 64 -23.35 15.35 10.74
CA MET F 64 -24.11 16.60 10.63
C MET F 64 -24.40 17.26 11.97
N LYS F 65 -24.58 16.44 13.01
CA LYS F 65 -24.87 16.97 14.34
C LYS F 65 -23.60 17.23 15.16
N ASN F 66 -22.46 17.32 14.49
CA ASN F 66 -21.18 17.59 15.14
C ASN F 66 -20.32 18.54 14.31
N PRO F 67 -20.80 19.77 14.04
CA PRO F 67 -20.09 20.78 13.25
C PRO F 67 -18.67 21.08 13.75
N ALA F 68 -18.53 21.19 15.06
CA ALA F 68 -17.26 21.50 15.69
C ALA F 68 -16.23 20.41 15.46
N ILE F 69 -16.69 19.18 15.33
CA ILE F 69 -15.78 18.06 15.12
C ILE F 69 -15.37 17.92 13.66
N ILE F 70 -14.10 18.18 13.35
CA ILE F 70 -13.59 18.05 12.00
C ILE F 70 -12.35 17.15 11.99
N GLY F 71 -12.04 16.58 10.83
CA GLY F 71 -10.89 15.71 10.71
C GLY F 71 -11.27 14.27 11.01
N HIS F 72 -10.57 13.32 10.39
CA HIS F 72 -10.89 11.91 10.61
C HIS F 72 -10.67 11.47 12.05
N GLU F 73 -9.57 11.92 12.65
CA GLU F 73 -9.25 11.56 14.02
C GLU F 73 -10.41 11.89 14.96
N ALA F 74 -10.80 13.16 14.96
CA ALA F 74 -11.89 13.61 15.80
C ALA F 74 -13.23 12.98 15.43
N ARG F 75 -13.44 12.67 14.16
CA ARG F 75 -14.70 12.06 13.70
C ARG F 75 -14.86 10.59 14.04
N TYR F 76 -13.75 9.84 14.06
CA TYR F 76 -13.82 8.43 14.40
C TYR F 76 -14.25 8.24 15.86
N LYS F 77 -13.76 9.08 16.76
CA LYS F 77 -14.13 8.95 18.17
C LYS F 77 -15.63 9.15 18.38
N LEU F 78 -16.31 9.69 17.38
CA LEU F 78 -17.74 9.93 17.47
C LEU F 78 -18.53 8.63 17.57
N PHE F 79 -17.95 7.52 17.10
CA PHE F 79 -18.61 6.23 17.16
C PHE F 79 -18.68 5.73 18.59
N ASN F 80 -17.66 6.06 19.37
CA ASN F 80 -17.61 5.65 20.76
C ASN F 80 -17.69 4.13 20.88
N SER F 81 -17.05 3.45 19.92
CA SER F 81 -17.03 1.98 19.88
C SER F 81 -16.08 1.51 18.80
N PRO F 82 -15.04 0.75 19.18
CA PRO F 82 -14.07 0.24 18.20
C PRO F 82 -14.67 -0.77 17.22
N THR F 83 -15.56 -1.62 17.73
CA THR F 83 -16.21 -2.64 16.91
C THR F 83 -17.18 -2.01 15.90
N LEU F 84 -18.01 -1.09 16.36
CA LEU F 84 -18.96 -0.42 15.48
C LEU F 84 -18.18 0.43 14.46
N LEU F 85 -17.05 0.97 14.89
CA LEU F 85 -16.22 1.79 14.02
C LEU F 85 -15.69 0.89 12.91
N PHE F 86 -15.27 -0.31 13.27
CA PHE F 86 -14.73 -1.26 12.31
C PHE F 86 -15.77 -1.65 11.27
N LEU F 87 -16.96 -1.99 11.75
CA LEU F 87 -18.09 -2.42 10.92
C LEU F 87 -18.84 -1.35 10.15
N LEU F 88 -18.87 -0.12 10.66
CA LEU F 88 -19.64 0.93 10.00
C LEU F 88 -18.86 2.06 9.31
N SER F 89 -17.74 2.44 9.92
CA SER F 89 -16.88 3.51 9.43
C SER F 89 -16.52 3.50 7.95
N ARG F 90 -16.01 4.63 7.50
CA ARG F 90 -15.61 4.78 6.12
C ARG F 90 -14.12 5.05 6.14
N GLY F 91 -13.50 5.09 4.98
CA GLY F 91 -12.07 5.32 4.90
C GLY F 91 -11.58 6.58 5.59
N LYS F 92 -10.26 6.71 5.72
CA LYS F 92 -9.65 7.87 6.35
C LYS F 92 -9.86 9.14 5.53
N ALA F 93 -9.40 9.13 4.28
CA ALA F 93 -9.53 10.29 3.41
C ALA F 93 -11.00 10.65 3.21
N ALA F 94 -11.86 9.64 3.17
CA ALA F 94 -13.29 9.87 3.00
C ALA F 94 -13.88 10.53 4.24
N THR F 95 -13.46 10.08 5.43
CA THR F 95 -13.95 10.65 6.69
C THR F 95 -13.39 12.07 6.87
N GLU F 96 -12.17 12.28 6.40
CA GLU F 96 -11.50 13.58 6.49
C GLU F 96 -12.17 14.59 5.54
N ASN F 97 -12.48 14.15 4.32
CA ASN F 97 -13.09 14.99 3.29
C ASN F 97 -14.61 15.19 3.37
N TRP F 98 -15.26 14.54 4.32
CA TRP F 98 -16.70 14.67 4.48
C TRP F 98 -17.08 16.11 4.79
N SER F 99 -18.26 16.51 4.36
CA SER F 99 -18.77 17.86 4.63
C SER F 99 -20.17 18.00 4.08
N ILE F 100 -20.79 19.13 4.40
CA ILE F 100 -22.15 19.46 3.97
C ILE F 100 -22.37 19.25 2.47
N GLU F 101 -21.43 19.74 1.66
CA GLU F 101 -21.56 19.62 0.21
C GLU F 101 -20.75 18.48 -0.36
N ASN F 102 -20.67 17.38 0.39
CA ASN F 102 -19.92 16.19 -0.04
C ASN F 102 -20.20 15.01 0.89
N LEU F 103 -21.48 14.62 0.96
CA LEU F 103 -21.93 13.51 1.82
C LEU F 103 -21.52 12.11 1.34
N PHE F 104 -21.78 11.11 2.18
CA PHE F 104 -21.49 9.71 1.87
C PHE F 104 -22.59 9.19 0.96
N GLU F 105 -22.26 8.23 0.10
CA GLU F 105 -23.25 7.63 -0.80
C GLU F 105 -23.10 6.12 -0.68
N GLU F 106 -23.96 5.39 -1.37
CA GLU F 106 -23.92 3.94 -1.33
C GLU F 106 -22.51 3.46 -1.65
N LYS F 107 -22.06 2.46 -0.89
CA LYS F 107 -20.73 1.88 -1.06
C LYS F 107 -20.97 0.38 -1.25
N GLN F 108 -20.40 -0.18 -2.32
CA GLN F 108 -20.60 -1.59 -2.62
C GLN F 108 -20.27 -2.56 -1.48
N ASN F 109 -19.14 -2.36 -0.81
CA ASN F 109 -18.79 -3.26 0.27
C ASN F 109 -19.24 -2.85 1.68
N ASP F 110 -20.35 -2.12 1.79
CA ASP F 110 -20.84 -1.71 3.13
C ASP F 110 -21.43 -2.91 3.87
N THR F 111 -21.01 -3.09 5.10
CA THR F 111 -21.47 -4.17 5.92
C THR F 111 -22.98 -4.41 5.93
N ALA F 112 -23.74 -3.34 6.16
CA ALA F 112 -25.19 -3.41 6.29
C ALA F 112 -26.03 -2.71 5.23
N ASP F 113 -27.22 -3.26 4.95
CA ASP F 113 -28.11 -2.62 3.98
C ASP F 113 -28.95 -1.59 4.70
N ILE F 114 -29.35 -1.95 5.91
CA ILE F 114 -30.20 -1.11 6.74
C ILE F 114 -29.72 -1.15 8.19
N LEU F 115 -29.67 0.02 8.81
CA LEU F 115 -29.26 0.14 10.19
C LEU F 115 -30.45 0.59 11.02
N LEU F 116 -30.60 0.01 12.22
CA LEU F 116 -31.70 0.39 13.12
C LEU F 116 -31.08 0.70 14.48
N VAL F 117 -31.17 1.95 14.91
CA VAL F 117 -30.59 2.36 16.18
C VAL F 117 -31.64 2.91 17.17
N LYS F 118 -31.53 2.48 18.41
CA LYS F 118 -32.46 2.90 19.45
C LYS F 118 -31.81 2.70 20.81
N ASP F 119 -31.55 3.79 21.52
CA ASP F 119 -30.92 3.75 22.84
C ASP F 119 -29.52 3.13 22.79
N GLN F 120 -28.69 3.66 21.90
CA GLN F 120 -27.32 3.17 21.77
C GLN F 120 -27.20 1.70 21.34
N PHE F 121 -28.29 1.13 20.81
CA PHE F 121 -28.26 -0.26 20.36
C PHE F 121 -28.49 -0.34 18.85
N TYR F 122 -27.58 -0.99 18.15
CA TYR F 122 -27.64 -1.12 16.69
C TYR F 122 -28.00 -2.51 16.16
N GLU F 123 -28.80 -2.54 15.10
CA GLU F 123 -29.18 -3.79 14.43
C GLU F 123 -28.73 -3.72 12.97
N LEU F 124 -27.68 -4.46 12.63
CA LEU F 124 -27.17 -4.47 11.26
C LEU F 124 -27.96 -5.47 10.41
N LEU F 125 -28.92 -4.98 9.63
CA LEU F 125 -29.74 -5.84 8.79
C LEU F 125 -29.23 -5.94 7.36
N ASP F 126 -29.16 -7.17 6.86
CA ASP F 126 -28.70 -7.43 5.51
C ASP F 126 -29.82 -8.20 4.82
N VAL F 127 -30.33 -7.65 3.73
CA VAL F 127 -31.40 -8.29 2.98
C VAL F 127 -30.85 -9.24 1.93
N LYS F 128 -31.47 -10.41 1.79
CA LYS F 128 -31.04 -11.40 0.81
C LYS F 128 -32.20 -11.78 -0.09
N THR F 129 -32.06 -11.53 -1.39
CA THR F 129 -33.14 -11.89 -2.31
C THR F 129 -32.80 -13.20 -2.99
N ARG F 130 -33.81 -14.07 -3.13
CA ARG F 130 -33.60 -15.37 -3.76
C ARG F 130 -34.62 -15.66 -4.84
N ASN F 131 -34.15 -16.32 -5.90
CA ASN F 131 -34.99 -16.71 -7.02
C ASN F 131 -35.47 -18.13 -6.74
N ILE F 132 -36.78 -18.29 -6.55
CA ILE F 132 -37.36 -19.59 -6.25
C ILE F 132 -37.50 -20.49 -7.48
N SER F 133 -37.67 -19.87 -8.65
CA SER F 133 -37.83 -20.60 -9.90
C SER F 133 -36.81 -21.74 -10.02
N LYS F 134 -35.76 -21.68 -9.20
CA LYS F 134 -34.73 -22.72 -9.22
C LYS F 134 -34.12 -22.93 -7.85
N SER F 135 -33.43 -24.06 -7.69
CA SER F 135 -32.77 -24.36 -6.43
C SER F 135 -31.27 -24.10 -6.58
N ALA F 136 -30.79 -23.05 -5.94
CA ALA F 136 -29.39 -22.66 -6.02
C ALA F 136 -28.63 -22.83 -4.71
N GLN F 137 -27.33 -22.57 -4.79
CA GLN F 137 -26.47 -22.67 -3.62
C GLN F 137 -26.78 -21.52 -2.67
N ALA F 138 -26.43 -21.70 -1.39
CA ALA F 138 -26.66 -20.69 -0.39
C ALA F 138 -25.87 -19.45 -0.79
N PRO F 139 -26.43 -18.26 -0.55
CA PRO F 139 -25.76 -16.99 -0.90
C PRO F 139 -24.74 -16.54 0.12
N ASN F 140 -23.93 -15.58 -0.29
CA ASN F 140 -22.92 -14.99 0.58
C ASN F 140 -23.69 -14.24 1.67
N ILE F 141 -23.33 -14.50 2.92
CA ILE F 141 -23.97 -13.86 4.07
C ILE F 141 -23.10 -12.73 4.57
N ILE F 142 -21.87 -13.08 4.95
CA ILE F 142 -20.92 -12.11 5.45
C ILE F 142 -19.54 -12.72 5.50
N SER F 143 -18.52 -11.89 5.33
CA SER F 143 -17.15 -12.35 5.36
C SER F 143 -16.85 -13.04 6.68
N ALA F 144 -16.31 -14.26 6.57
CA ALA F 144 -15.95 -15.03 7.74
C ALA F 144 -14.76 -14.37 8.43
N TYR F 145 -13.93 -13.70 7.62
CA TYR F 145 -12.74 -13.00 8.13
C TYR F 145 -13.19 -11.71 8.85
N LYS F 146 -14.10 -10.97 8.25
CA LYS F 146 -14.60 -9.76 8.88
C LYS F 146 -15.30 -10.15 10.19
N LEU F 147 -16.06 -11.24 10.18
CA LEU F 147 -16.78 -11.69 11.37
C LEU F 147 -15.79 -12.05 12.47
N ALA F 148 -14.68 -12.65 12.07
CA ALA F 148 -13.63 -13.04 13.01
C ALA F 148 -13.05 -11.82 13.71
N GLN F 149 -12.77 -10.76 12.93
CA GLN F 149 -12.23 -9.53 13.49
C GLN F 149 -13.24 -8.86 14.43
N THR F 150 -14.50 -8.99 14.08
CA THR F 150 -15.57 -8.42 14.87
C THR F 150 -15.60 -9.09 16.24
N CYS F 151 -15.58 -10.41 16.25
CA CYS F 151 -15.60 -11.15 17.51
C CYS F 151 -14.35 -10.85 18.32
N ALA F 152 -13.23 -10.63 17.65
CA ALA F 152 -11.99 -10.33 18.35
C ALA F 152 -12.12 -9.00 19.07
N LYS F 153 -12.64 -8.02 18.35
CA LYS F 153 -12.81 -6.68 18.89
C LYS F 153 -13.87 -6.63 19.98
N MET F 154 -14.88 -7.50 19.88
CA MET F 154 -15.94 -7.53 20.89
C MET F 154 -15.33 -7.91 22.24
N ILE F 155 -14.42 -8.88 22.22
CA ILE F 155 -13.79 -9.36 23.43
C ILE F 155 -12.85 -8.33 24.03
N ASP F 156 -11.93 -7.82 23.21
CA ASP F 156 -10.96 -6.83 23.64
C ASP F 156 -11.61 -5.58 24.24
N ASN F 157 -12.83 -5.27 23.82
CA ASN F 157 -13.53 -4.09 24.29
C ASN F 157 -14.71 -4.39 25.20
N LYS F 158 -14.98 -5.67 25.39
CA LYS F 158 -16.08 -6.09 26.25
C LYS F 158 -17.41 -5.56 25.71
N GLU F 159 -17.54 -5.51 24.38
CA GLU F 159 -18.77 -5.03 23.76
C GLU F 159 -19.65 -6.19 23.30
N PHE F 160 -20.31 -6.83 24.26
CA PHE F 160 -21.17 -7.97 23.97
C PHE F 160 -22.62 -7.57 23.97
N ASP F 161 -22.86 -6.33 24.36
CA ASP F 161 -24.21 -5.80 24.42
C ASP F 161 -24.18 -4.45 23.73
N LEU F 162 -24.31 -4.46 22.40
CA LEU F 162 -24.26 -3.22 21.65
C LEU F 162 -24.90 -3.34 20.27
N PHE F 163 -24.68 -4.47 19.60
CA PHE F 163 -25.23 -4.68 18.27
C PHE F 163 -25.52 -6.15 17.91
N ASP F 164 -26.40 -6.32 16.94
CA ASP F 164 -26.80 -7.63 16.43
C ASP F 164 -26.69 -7.58 14.88
N ILE F 165 -26.48 -8.75 14.26
CA ILE F 165 -26.36 -8.86 12.80
C ILE F 165 -27.46 -9.80 12.31
N ASN F 166 -28.55 -9.24 11.81
CA ASN F 166 -29.68 -10.05 11.37
C ASN F 166 -29.85 -10.14 9.84
N TYR F 167 -30.64 -11.10 9.39
CA TYR F 167 -30.85 -11.31 7.97
C TYR F 167 -32.31 -11.52 7.59
N LEU F 168 -32.71 -10.90 6.49
CA LEU F 168 -34.06 -11.01 5.99
C LEU F 168 -34.02 -11.50 4.55
N GLU F 169 -34.54 -12.70 4.33
CA GLU F 169 -34.57 -13.30 2.99
C GLU F 169 -35.93 -13.08 2.36
N VAL F 170 -35.92 -12.56 1.13
CA VAL F 170 -37.14 -12.31 0.38
C VAL F 170 -37.11 -13.11 -0.93
N ASP F 171 -37.97 -14.12 -1.00
CA ASP F 171 -38.07 -15.02 -2.14
C ASP F 171 -38.99 -14.49 -3.26
N TRP F 172 -38.58 -14.64 -4.52
CA TRP F 172 -39.40 -14.16 -5.61
C TRP F 172 -39.37 -15.10 -6.80
N GLU F 173 -40.31 -14.93 -7.72
CA GLU F 173 -40.36 -15.75 -8.92
C GLU F 173 -40.84 -14.88 -10.07
N LEU F 174 -40.45 -15.23 -11.29
CA LEU F 174 -40.86 -14.47 -12.46
C LEU F 174 -42.33 -14.71 -12.73
N ASN F 175 -43.03 -13.66 -13.13
CA ASN F 175 -44.46 -13.78 -13.41
C ASN F 175 -44.81 -12.78 -14.49
N GLY F 176 -44.63 -13.18 -15.75
CA GLY F 176 -44.93 -12.31 -16.87
C GLY F 176 -43.74 -11.43 -17.19
N GLU F 177 -43.91 -10.13 -17.02
CA GLU F 177 -42.85 -9.17 -17.30
C GLU F 177 -42.35 -8.53 -16.02
N ASP F 178 -42.57 -9.20 -14.89
CA ASP F 178 -42.13 -8.69 -13.61
C ASP F 178 -41.86 -9.80 -12.60
N LEU F 179 -41.19 -9.44 -11.51
CA LEU F 179 -40.84 -10.39 -10.44
C LEU F 179 -41.84 -10.24 -9.30
N VAL F 180 -42.25 -11.36 -8.70
CA VAL F 180 -43.21 -11.28 -7.60
C VAL F 180 -42.73 -12.03 -6.38
N CYS F 181 -42.84 -11.39 -5.22
CA CYS F 181 -42.43 -11.97 -3.94
C CYS F 181 -43.41 -13.07 -3.55
N VAL F 182 -42.90 -14.21 -3.11
CA VAL F 182 -43.73 -15.34 -2.71
C VAL F 182 -43.51 -15.77 -1.28
N SER F 183 -42.31 -15.53 -0.76
CA SER F 183 -42.01 -15.93 0.62
C SER F 183 -41.04 -14.98 1.28
N THR F 184 -40.85 -15.18 2.58
CA THR F 184 -39.97 -14.38 3.40
C THR F 184 -39.50 -15.21 4.59
N SER F 185 -38.38 -14.83 5.19
CA SER F 185 -37.84 -15.53 6.34
C SER F 185 -36.79 -14.67 7.05
N PHE F 186 -36.83 -14.67 8.39
CA PHE F 186 -35.93 -13.87 9.22
C PHE F 186 -35.03 -14.76 10.10
N ALA F 187 -33.82 -14.27 10.39
CA ALA F 187 -32.89 -15.02 11.21
C ALA F 187 -31.80 -14.13 11.75
N GLU F 188 -31.38 -14.42 12.98
CA GLU F 188 -30.34 -13.65 13.64
C GLU F 188 -29.07 -14.50 13.63
N LEU F 189 -27.92 -13.88 13.38
CA LEU F 189 -26.67 -14.61 13.34
C LEU F 189 -26.26 -15.15 14.70
N PHE F 190 -26.30 -14.26 15.70
CA PHE F 190 -25.91 -14.62 17.07
C PHE F 190 -26.89 -15.53 17.81
N LYS F 191 -27.83 -16.11 17.08
CA LYS F 191 -28.81 -17.03 17.66
C LYS F 191 -28.54 -18.43 17.12
N SER F 192 -27.72 -18.52 16.07
CA SER F 192 -27.39 -19.81 15.48
C SER F 192 -26.14 -20.40 16.13
N GLU F 193 -25.87 -21.67 15.84
CA GLU F 193 -24.70 -22.34 16.39
C GLU F 193 -23.46 -21.91 15.61
N PRO F 194 -22.58 -21.14 16.27
CA PRO F 194 -21.34 -20.64 15.65
C PRO F 194 -20.42 -21.70 15.08
N SER F 195 -20.45 -22.90 15.64
CA SER F 195 -19.58 -23.97 15.16
C SER F 195 -20.12 -24.72 13.94
N GLU F 196 -21.31 -24.34 13.48
CA GLU F 196 -21.92 -24.99 12.32
C GLU F 196 -22.04 -24.08 11.10
N LEU F 197 -21.44 -22.90 11.18
CA LEU F 197 -21.48 -21.95 10.07
C LEU F 197 -20.48 -22.39 9.00
N TYR F 198 -20.98 -22.63 7.79
CA TYR F 198 -20.11 -23.06 6.70
C TYR F 198 -19.35 -21.87 6.11
N ILE F 199 -18.04 -22.01 6.02
CA ILE F 199 -17.21 -20.94 5.49
C ILE F 199 -16.71 -21.30 4.10
N ASN F 200 -17.23 -20.62 3.08
CA ASN F 200 -16.79 -20.89 1.71
C ASN F 200 -15.59 -20.00 1.46
N TRP F 201 -14.39 -20.58 1.55
CA TRP F 201 -13.16 -19.82 1.35
C TRP F 201 -12.99 -19.23 -0.06
N ALA F 202 -13.34 -20.00 -1.09
CA ALA F 202 -13.22 -19.53 -2.45
C ALA F 202 -14.15 -18.36 -2.72
N ALA F 203 -15.35 -18.44 -2.17
CA ALA F 203 -16.33 -17.37 -2.37
C ALA F 203 -16.12 -16.22 -1.39
N ALA F 204 -14.96 -15.59 -1.51
CA ALA F 204 -14.58 -14.45 -0.67
C ALA F 204 -14.65 -14.74 0.81
N MET F 205 -14.21 -15.94 1.20
CA MET F 205 -14.21 -16.33 2.60
C MET F 205 -15.57 -16.00 3.23
N GLN F 206 -16.63 -16.08 2.42
CA GLN F 206 -17.98 -15.74 2.90
C GLN F 206 -18.74 -16.87 3.60
N ILE F 207 -19.47 -16.50 4.65
CA ILE F 207 -20.31 -17.46 5.36
C ILE F 207 -21.48 -17.62 4.40
N GLN F 208 -22.07 -18.81 4.34
CA GLN F 208 -23.19 -19.03 3.43
C GLN F 208 -24.28 -19.92 4.05
N PHE F 209 -25.53 -19.60 3.73
CA PHE F 209 -26.68 -20.36 4.18
C PHE F 209 -27.92 -19.65 3.68
N HIS F 210 -29.01 -20.39 3.57
CA HIS F 210 -30.26 -19.78 3.15
C HIS F 210 -30.93 -19.44 4.47
N VAL F 211 -31.37 -18.18 4.60
CA VAL F 211 -32.03 -17.72 5.82
C VAL F 211 -33.12 -18.65 6.33
N ARG F 212 -33.92 -19.20 5.42
CA ARG F 212 -35.01 -20.11 5.80
C ARG F 212 -34.56 -21.41 6.48
N ASP F 213 -33.28 -21.75 6.37
CA ASP F 213 -32.75 -22.97 6.96
C ASP F 213 -31.96 -22.77 8.25
N LEU F 214 -31.41 -21.58 8.42
CA LEU F 214 -30.61 -21.30 9.60
C LEU F 214 -31.28 -21.73 10.91
N ASP F 215 -30.47 -22.16 11.87
CA ASP F 215 -30.94 -22.61 13.18
C ASP F 215 -30.85 -21.44 14.17
N GLN F 216 -31.71 -21.45 15.19
CA GLN F 216 -31.75 -20.38 16.21
C GLN F 216 -31.77 -20.97 17.61
N GLY F 217 -30.96 -22.00 17.86
CA GLY F 217 -30.98 -22.63 19.17
C GLY F 217 -29.88 -22.28 20.16
N PHE F 218 -28.93 -21.46 19.77
CA PHE F 218 -27.84 -21.08 20.67
C PHE F 218 -28.44 -20.48 21.94
N ASN F 219 -27.96 -20.98 23.09
CA ASN F 219 -28.46 -20.52 24.39
C ASN F 219 -27.35 -20.09 25.35
N GLY F 220 -26.22 -19.66 24.80
CA GLY F 220 -25.12 -19.21 25.63
C GLY F 220 -25.02 -17.71 25.60
N THR F 221 -23.97 -17.15 26.18
CA THR F 221 -23.80 -15.70 26.18
C THR F 221 -23.16 -15.26 24.85
N ARG F 222 -23.14 -13.95 24.61
CA ARG F 222 -22.56 -13.44 23.38
C ARG F 222 -21.04 -13.63 23.39
N GLU F 223 -20.42 -13.53 24.56
CA GLU F 223 -18.98 -13.71 24.69
C GLU F 223 -18.58 -15.14 24.32
N GLU F 224 -19.45 -16.09 24.63
CA GLU F 224 -19.19 -17.48 24.31
C GLU F 224 -19.37 -17.72 22.81
N TRP F 225 -20.34 -17.02 22.23
CA TRP F 225 -20.60 -17.14 20.79
C TRP F 225 -19.36 -16.68 20.02
N ALA F 226 -18.80 -15.54 20.43
CA ALA F 226 -17.62 -15.01 19.76
C ALA F 226 -16.43 -15.96 19.90
N LYS F 227 -16.15 -16.39 21.13
CA LYS F 227 -15.05 -17.31 21.40
C LYS F 227 -15.23 -18.64 20.65
N SER F 228 -16.46 -19.11 20.58
CA SER F 228 -16.74 -20.35 19.89
C SER F 228 -16.52 -20.17 18.39
N TYR F 229 -16.98 -19.04 17.84
CA TYR F 229 -16.80 -18.78 16.41
C TYR F 229 -15.33 -18.75 16.03
N LEU F 230 -14.55 -17.97 16.77
CA LEU F 230 -13.11 -17.85 16.54
C LEU F 230 -12.40 -19.21 16.53
N LYS F 231 -12.89 -20.16 17.31
CA LYS F 231 -12.27 -21.48 17.35
C LYS F 231 -12.60 -22.20 16.03
N HIS F 232 -13.86 -22.12 15.64
CA HIS F 232 -14.35 -22.74 14.42
C HIS F 232 -13.64 -22.09 13.20
N PHE F 233 -13.40 -20.79 13.30
CA PHE F 233 -12.73 -20.04 12.23
C PHE F 233 -11.27 -20.47 12.07
N VAL F 234 -10.55 -20.54 13.19
CA VAL F 234 -9.15 -20.95 13.14
C VAL F 234 -9.03 -22.39 12.65
N THR F 235 -9.92 -23.26 13.13
CA THR F 235 -9.90 -24.67 12.73
C THR F 235 -10.10 -24.82 11.23
N GLN F 236 -11.08 -24.10 10.68
CA GLN F 236 -11.37 -24.18 9.25
C GLN F 236 -10.29 -23.56 8.40
N ALA F 237 -9.59 -22.55 8.94
CA ALA F 237 -8.53 -21.90 8.18
C ALA F 237 -7.40 -22.89 7.95
N GLU F 238 -7.13 -23.71 8.95
CA GLU F 238 -6.07 -24.72 8.85
C GLU F 238 -6.52 -25.84 7.92
N GLN F 239 -7.83 -26.11 7.93
CA GLN F 239 -8.43 -27.15 7.10
C GLN F 239 -8.27 -26.76 5.63
N ARG F 240 -8.59 -25.51 5.31
CA ARG F 240 -8.48 -25.01 3.95
C ARG F 240 -7.01 -25.02 3.49
N ALA F 241 -6.12 -24.54 4.36
CA ALA F 241 -4.69 -24.49 4.03
C ALA F 241 -4.14 -25.86 3.59
N ILE F 242 -4.69 -26.92 4.16
CA ILE F 242 -4.26 -28.28 3.82
C ILE F 242 -4.99 -28.83 2.61
N SER F 243 -6.28 -28.52 2.49
CA SER F 243 -7.05 -29.01 1.35
C SER F 243 -6.61 -28.34 0.05
N MET F 244 -6.11 -27.11 0.13
CA MET F 244 -5.65 -26.39 -1.06
C MET F 244 -4.50 -27.10 -1.76
N ILE F 245 -3.64 -27.73 -0.98
CA ILE F 245 -2.50 -28.44 -1.54
C ILE F 245 -2.99 -29.70 -2.24
N ASP F 246 -3.94 -30.39 -1.64
CA ASP F 246 -4.44 -31.62 -2.23
C ASP F 246 -5.33 -31.43 -3.45
N LYS F 247 -5.82 -30.20 -3.64
CA LYS F 247 -6.69 -29.95 -4.77
C LYS F 247 -6.10 -29.03 -5.84
N PHE F 248 -5.22 -28.11 -5.44
CA PHE F 248 -4.62 -27.18 -6.38
C PHE F 248 -3.14 -27.40 -6.61
N VAL F 249 -2.56 -28.37 -5.91
CA VAL F 249 -1.14 -28.66 -6.08
C VAL F 249 -0.90 -30.11 -6.53
N LYS F 250 -1.28 -31.08 -5.70
CA LYS F 250 -1.09 -32.50 -6.02
C LYS F 250 -1.44 -32.85 -7.46
N PRO F 251 -2.69 -32.57 -7.89
CA PRO F 251 -3.10 -32.90 -9.26
C PRO F 251 -2.41 -32.16 -10.40
N PHE F 252 -1.59 -31.16 -10.08
CA PHE F 252 -0.92 -30.38 -11.11
C PHE F 252 0.61 -30.41 -11.05
N LYS F 253 1.15 -31.28 -10.20
CA LYS F 253 2.61 -31.41 -10.06
C LYS F 253 3.22 -32.15 -11.27
N LYS F 254 2.47 -33.07 -11.85
CA LYS F 254 2.96 -33.84 -12.98
C LYS F 254 3.26 -33.00 -14.22
N TYR F 255 2.81 -31.75 -14.20
CA TYR F 255 3.03 -30.83 -15.32
C TYR F 255 4.26 -29.96 -15.11
N ILE F 256 4.98 -30.20 -14.01
CA ILE F 256 6.17 -29.41 -13.70
C ILE F 256 7.42 -30.27 -13.56
N SER G 1 6.80 14.98 32.79
CA SER G 1 7.34 16.13 32.00
C SER G 1 7.31 17.45 32.76
N PHE G 2 8.29 18.31 32.48
CA PHE G 2 8.37 19.62 33.12
C PHE G 2 7.71 20.67 32.23
N ILE G 3 7.77 20.46 30.92
CA ILE G 3 7.19 21.39 29.96
C ILE G 3 5.70 21.12 29.73
N LYS G 4 5.26 19.91 30.06
CA LYS G 4 3.87 19.53 29.89
C LYS G 4 2.93 20.49 30.61
N PRO G 5 3.19 20.78 31.90
CA PRO G 5 2.32 21.70 32.63
C PRO G 5 2.30 23.08 32.00
N ILE G 6 3.30 23.37 31.17
CA ILE G 6 3.40 24.67 30.51
C ILE G 6 3.31 24.51 29.00
N TYR G 7 2.54 23.53 28.55
CA TYR G 7 2.39 23.29 27.12
C TYR G 7 1.44 24.28 26.46
N GLN G 8 0.41 24.71 27.18
CA GLN G 8 -0.56 25.65 26.63
C GLN G 8 0.11 26.94 26.14
N ASP G 9 0.96 27.50 26.98
CA ASP G 9 1.67 28.74 26.64
C ASP G 9 2.50 28.52 25.39
N ILE G 10 3.33 27.48 25.41
CA ILE G 10 4.18 27.14 24.28
C ILE G 10 3.34 27.08 23.00
N ASN G 11 2.31 26.24 23.03
CA ASN G 11 1.43 26.07 21.88
C ASN G 11 0.88 27.41 21.37
N SER G 12 0.71 28.36 22.28
CA SER G 12 0.18 29.68 21.92
C SER G 12 1.27 30.62 21.39
N ILE G 13 2.45 30.59 22.00
CA ILE G 13 3.54 31.45 21.57
C ILE G 13 4.10 31.04 20.22
N LEU G 14 4.18 29.73 19.98
CA LEU G 14 4.70 29.20 18.72
C LEU G 14 3.80 29.58 17.54
N ILE G 15 2.53 29.18 17.62
CA ILE G 15 1.58 29.48 16.55
C ILE G 15 1.57 30.95 16.19
N GLY G 16 1.99 31.26 14.97
CA GLY G 16 2.01 32.65 14.52
C GLY G 16 3.43 33.14 14.33
N GLN G 17 4.35 32.57 15.10
CA GLN G 17 5.75 32.96 15.02
C GLN G 17 6.31 32.56 13.65
N LYS G 18 7.07 33.46 13.04
CA LYS G 18 7.64 33.18 11.71
C LYS G 18 9.15 33.38 11.62
N VAL G 19 9.76 32.64 10.69
CA VAL G 19 11.19 32.71 10.45
C VAL G 19 11.45 32.71 8.95
N LYS G 20 12.37 33.56 8.50
CA LYS G 20 12.70 33.66 7.09
C LYS G 20 13.12 32.31 6.51
N ARG G 21 12.94 32.14 5.20
CA ARG G 21 13.30 30.90 4.52
C ARG G 21 14.81 30.69 4.57
N PRO G 22 15.26 29.56 5.12
CA PRO G 22 16.69 29.21 5.24
C PRO G 22 17.50 29.46 3.97
N LYS G 23 18.20 30.59 3.95
CA LYS G 23 19.04 30.95 2.80
C LYS G 23 18.26 30.87 1.49
N SER G 24 16.95 31.08 1.57
CA SER G 24 16.08 31.02 0.40
C SER G 24 16.35 29.79 -0.44
N GLY G 25 16.63 28.67 0.23
CA GLY G 25 16.92 27.42 -0.46
C GLY G 25 15.88 26.36 -0.17
N THR G 26 16.30 25.10 -0.24
CA THR G 26 15.39 23.97 0.02
C THR G 26 14.85 24.01 1.45
N LEU G 27 13.83 23.21 1.71
CA LEU G 27 13.22 23.15 3.03
C LEU G 27 13.21 21.72 3.56
N SER G 28 14.38 21.10 3.57
CA SER G 28 14.51 19.72 4.05
C SER G 28 15.78 19.51 4.87
N GLY G 29 15.89 18.35 5.50
CA GLY G 29 17.05 18.04 6.31
C GLY G 29 17.15 18.95 7.52
N HIS G 30 18.37 19.33 7.89
CA HIS G 30 18.59 20.21 9.03
C HIS G 30 18.13 21.63 8.71
N ALA G 31 18.18 22.00 7.43
CA ALA G 31 17.77 23.34 7.01
C ALA G 31 16.32 23.36 6.55
N ALA G 32 15.42 23.70 7.47
CA ALA G 32 14.00 23.75 7.17
C ALA G 32 13.26 24.41 8.33
N GLY G 33 13.10 23.67 9.41
CA GLY G 33 12.41 24.20 10.57
C GLY G 33 13.34 24.28 11.77
N GLU G 34 14.63 24.23 11.50
CA GLU G 34 15.65 24.29 12.55
C GLU G 34 15.47 25.51 13.47
N PRO G 35 15.25 26.69 12.88
CA PRO G 35 15.08 27.89 13.71
C PRO G 35 13.94 27.76 14.73
N PHE G 36 12.89 27.04 14.38
CA PHE G 36 11.77 26.84 15.29
C PHE G 36 12.26 26.22 16.60
N GLU G 37 13.11 25.21 16.48
CA GLU G 37 13.66 24.53 17.66
C GLU G 37 14.29 25.56 18.57
N LYS G 38 15.00 26.52 17.98
CA LYS G 38 15.65 27.57 18.74
C LYS G 38 14.60 28.38 19.49
N LEU G 39 13.50 28.69 18.80
CA LEU G 39 12.42 29.46 19.40
C LEU G 39 11.85 28.73 20.61
N VAL G 40 11.75 27.41 20.51
CA VAL G 40 11.24 26.60 21.61
C VAL G 40 12.21 26.68 22.78
N TYR G 41 13.50 26.65 22.48
CA TYR G 41 14.53 26.73 23.51
C TYR G 41 14.56 28.13 24.13
N LYS G 42 14.32 29.15 23.31
CA LYS G 42 14.31 30.53 23.77
C LYS G 42 13.23 30.76 24.82
N PHE G 43 12.20 29.91 24.78
CA PHE G 43 11.11 30.03 25.74
C PHE G 43 11.32 29.12 26.95
N LEU G 44 11.77 27.91 26.71
CA LEU G 44 12.01 26.95 27.79
C LEU G 44 13.14 27.42 28.70
N LYS G 45 13.91 28.40 28.24
CA LYS G 45 15.02 28.93 29.02
C LYS G 45 14.62 30.25 29.69
N GLU G 46 13.79 31.02 29.00
CA GLU G 46 13.32 32.31 29.51
C GLU G 46 12.14 32.13 30.46
N ASN G 47 11.87 30.89 30.84
CA ASN G 47 10.77 30.59 31.75
C ASN G 47 11.10 29.40 32.65
N LEU G 48 12.21 28.72 32.34
CA LEU G 48 12.65 27.57 33.11
C LEU G 48 14.18 27.46 33.09
N SER G 49 14.85 28.61 33.10
CA SER G 49 16.31 28.67 33.07
C SER G 49 16.92 27.87 34.21
N ASP G 50 16.11 27.59 35.23
CA ASP G 50 16.57 26.84 36.39
C ASP G 50 16.84 25.37 36.08
N LEU G 51 16.36 24.90 34.93
CA LEU G 51 16.57 23.51 34.54
C LEU G 51 16.43 23.26 33.04
N THR G 52 17.07 24.12 32.25
CA THR G 52 17.01 24.01 30.79
C THR G 52 18.40 24.08 30.16
N PHE G 53 18.90 22.95 29.68
CA PHE G 53 20.21 22.89 29.05
C PHE G 53 20.10 22.25 27.67
N LYS G 54 20.98 22.66 26.76
CA LYS G 54 20.98 22.14 25.40
C LYS G 54 21.98 21.00 25.22
N GLN G 55 21.64 19.82 25.73
CA GLN G 55 22.49 18.64 25.62
C GLN G 55 23.94 18.88 26.03
N TYR G 56 24.76 19.33 25.10
CA TYR G 56 26.17 19.59 25.37
C TYR G 56 26.37 20.61 26.48
N GLU G 57 25.49 21.60 26.52
CA GLU G 57 25.56 22.65 27.53
C GLU G 57 25.55 22.06 28.93
N TYR G 58 24.71 21.03 29.12
CA TYR G 58 24.63 20.37 30.42
C TYR G 58 25.95 19.68 30.69
N LEU G 59 26.43 18.92 29.70
CA LEU G 59 27.68 18.21 29.83
C LEU G 59 28.80 19.13 30.28
N ASN G 60 28.79 20.36 29.78
CA ASN G 60 29.81 21.34 30.14
C ASN G 60 29.70 21.70 31.62
N ASP G 61 28.48 21.67 32.15
CA ASP G 61 28.25 21.99 33.55
C ASP G 61 28.49 20.77 34.44
N LEU G 62 28.21 19.59 33.91
CA LEU G 62 28.41 18.35 34.66
C LEU G 62 29.88 18.33 35.07
N PHE G 63 30.72 18.90 34.21
CA PHE G 63 32.15 19.00 34.47
C PHE G 63 32.36 20.33 35.16
N MET G 64 33.55 20.91 35.03
CA MET G 64 33.88 22.19 35.68
C MET G 64 33.83 22.04 37.20
N LYS G 65 32.65 21.77 37.73
CA LYS G 65 32.44 21.59 39.16
C LYS G 65 33.12 20.30 39.63
N ASN G 66 34.01 19.78 38.79
CA ASN G 66 34.75 18.56 39.11
C ASN G 66 36.12 18.60 38.43
N PRO G 67 36.92 19.64 38.70
CA PRO G 67 38.24 19.78 38.10
C PRO G 67 39.18 18.62 38.46
N ALA G 68 38.99 18.05 39.64
CA ALA G 68 39.81 16.93 40.10
C ALA G 68 39.43 15.67 39.34
N ILE G 69 38.46 15.81 38.45
CA ILE G 69 37.97 14.70 37.63
C ILE G 69 38.35 14.95 36.18
N ILE G 70 39.36 14.22 35.69
CA ILE G 70 39.79 14.38 34.31
C ILE G 70 40.18 13.08 33.63
N GLY G 71 39.94 13.04 32.31
CA GLY G 71 40.28 11.88 31.51
C GLY G 71 39.67 10.55 31.92
N HIS G 72 38.72 10.08 31.13
CA HIS G 72 38.06 8.79 31.36
C HIS G 72 37.79 8.51 32.83
N GLU G 73 37.66 7.23 33.15
CA GLU G 73 37.42 6.77 34.52
C GLU G 73 36.54 7.72 35.32
N ALA G 74 37.18 8.62 36.05
CA ALA G 74 36.48 9.59 36.91
C ALA G 74 35.40 10.37 36.17
N ARG G 75 35.73 10.87 34.98
CA ARG G 75 34.78 11.65 34.19
C ARG G 75 33.60 10.80 33.72
N TYR G 76 33.86 9.54 33.39
CA TYR G 76 32.81 8.63 32.95
C TYR G 76 32.03 8.11 34.16
N LYS G 77 32.64 8.24 35.33
CA LYS G 77 31.99 7.80 36.56
C LYS G 77 31.09 8.92 37.09
N LEU G 78 31.29 10.12 36.57
CA LEU G 78 30.50 11.28 36.98
C LEU G 78 29.01 10.98 36.86
N PHE G 79 28.64 10.27 35.79
CA PHE G 79 27.26 9.89 35.56
C PHE G 79 26.94 8.65 36.40
N ASN G 80 26.27 8.86 37.52
CA ASN G 80 25.90 7.77 38.42
C ASN G 80 24.84 6.87 37.80
N SER G 81 24.78 6.88 36.48
CA SER G 81 23.79 6.08 35.76
C SER G 81 24.36 5.57 34.44
N PRO G 82 24.55 4.24 34.33
CA PRO G 82 25.08 3.64 33.11
C PRO G 82 24.22 4.00 31.90
N THR G 83 22.92 4.18 32.14
CA THR G 83 21.98 4.52 31.09
C THR G 83 22.20 5.96 30.62
N LEU G 84 22.12 6.89 31.57
CA LEU G 84 22.32 8.31 31.24
C LEU G 84 23.69 8.49 30.59
N LEU G 85 24.60 7.57 30.88
CA LEU G 85 25.93 7.62 30.31
C LEU G 85 25.80 7.32 28.82
N PHE G 86 25.20 6.18 28.51
CA PHE G 86 25.00 5.74 27.14
C PHE G 86 24.20 6.71 26.29
N LEU G 87 23.37 7.53 26.93
CA LEU G 87 22.54 8.47 26.19
C LEU G 87 23.02 9.91 26.20
N LEU G 88 24.10 10.20 26.92
CA LEU G 88 24.58 11.58 26.99
C LEU G 88 26.09 11.75 26.90
N SER G 89 26.85 10.74 27.31
CA SER G 89 28.31 10.81 27.29
C SER G 89 28.85 10.86 25.86
N ARG G 90 29.84 11.73 25.65
CA ARG G 90 30.45 11.86 24.33
C ARG G 90 31.50 10.77 24.14
N GLY G 91 32.44 11.00 23.22
CA GLY G 91 33.47 10.02 22.96
C GLY G 91 34.56 10.02 24.01
N LYS G 92 35.34 8.94 24.05
CA LYS G 92 36.44 8.82 25.00
C LYS G 92 37.46 9.93 24.80
N ALA G 93 38.01 10.01 23.60
CA ALA G 93 39.00 11.04 23.28
C ALA G 93 38.41 12.43 23.51
N ALA G 94 37.09 12.54 23.37
CA ALA G 94 36.39 13.81 23.54
C ALA G 94 36.26 14.18 25.02
N THR G 95 36.00 13.19 25.85
CA THR G 95 35.86 13.40 27.29
C THR G 95 37.23 13.39 27.97
N GLU G 96 38.28 13.60 27.17
CA GLU G 96 39.64 13.62 27.68
C GLU G 96 40.23 15.02 27.49
N ASN G 97 40.08 15.55 26.29
CA ASN G 97 40.60 16.88 25.97
C ASN G 97 39.66 18.00 26.44
N TRP G 98 38.81 17.70 27.41
CA TRP G 98 37.88 18.70 27.92
C TRP G 98 38.59 19.65 28.88
N SER G 99 38.20 20.93 28.83
CA SER G 99 38.79 21.94 29.69
C SER G 99 38.03 23.26 29.55
N ILE G 100 38.52 24.30 30.20
CA ILE G 100 37.90 25.61 30.13
C ILE G 100 38.20 26.24 28.76
N GLU G 101 39.30 25.82 28.16
CA GLU G 101 39.70 26.34 26.86
C GLU G 101 39.32 25.38 25.74
N ASN G 102 38.49 24.39 26.07
CA ASN G 102 38.05 23.41 25.09
C ASN G 102 36.74 22.79 25.56
N LEU G 103 35.69 23.61 25.61
CA LEU G 103 34.37 23.16 26.03
C LEU G 103 33.67 22.35 24.94
N PHE G 104 32.70 21.53 25.35
CA PHE G 104 31.95 20.71 24.41
C PHE G 104 31.13 21.59 23.47
N GLU G 105 30.74 21.03 22.33
CA GLU G 105 29.93 21.75 21.36
C GLU G 105 28.73 20.89 20.94
N GLU G 106 27.81 21.50 20.19
CA GLU G 106 26.63 20.79 19.73
C GLU G 106 27.05 19.72 18.72
N LYS G 107 26.68 18.46 18.99
CA LYS G 107 27.03 17.37 18.09
C LYS G 107 25.78 16.94 17.31
N GLN G 108 25.94 16.77 16.00
CA GLN G 108 24.85 16.39 15.11
C GLN G 108 24.10 15.11 15.52
N ASN G 109 24.77 14.19 16.19
CA ASN G 109 24.07 12.96 16.55
C ASN G 109 23.62 12.90 18.01
N ASP G 110 23.59 14.05 18.69
CA ASP G 110 23.16 14.09 20.09
C ASP G 110 21.73 13.59 20.23
N THR G 111 21.51 12.76 21.25
CA THR G 111 20.20 12.17 21.51
C THR G 111 19.06 13.20 21.67
N ALA G 112 19.19 14.09 22.65
CA ALA G 112 18.17 15.10 22.91
C ALA G 112 18.56 16.50 22.46
N ASP G 113 17.58 17.28 22.06
CA ASP G 113 17.80 18.66 21.62
C ASP G 113 17.89 19.57 22.83
N ILE G 114 16.94 19.42 23.74
CA ILE G 114 16.89 20.21 24.96
C ILE G 114 16.75 19.27 26.15
N LEU G 115 17.53 19.54 27.19
CA LEU G 115 17.49 18.70 28.38
C LEU G 115 17.04 19.48 29.62
N LEU G 116 15.97 18.98 30.26
CA LEU G 116 15.43 19.60 31.48
C LEU G 116 15.51 18.60 32.63
N VAL G 117 16.18 19.00 33.71
CA VAL G 117 16.35 18.13 34.87
C VAL G 117 16.10 18.84 36.19
N LYS G 118 15.45 18.15 37.12
CA LYS G 118 15.15 18.71 38.43
C LYS G 118 14.64 17.62 39.38
N GLN G 120 18.33 15.02 39.15
CA GLN G 120 17.68 13.85 39.79
C GLN G 120 16.76 13.17 38.78
N PHE G 121 15.95 13.97 38.10
CA PHE G 121 15.05 13.44 37.07
C PHE G 121 15.31 14.17 35.76
N TYR G 122 15.60 13.40 34.70
CA TYR G 122 15.90 13.99 33.41
C TYR G 122 14.81 13.83 32.36
N GLU G 123 14.61 14.89 31.60
CA GLU G 123 13.63 14.89 30.50
C GLU G 123 14.35 15.22 29.20
N LEU G 124 14.50 14.21 28.33
CA LEU G 124 15.17 14.41 27.05
C LEU G 124 14.16 14.83 26.00
N LEU G 125 14.08 16.13 25.77
CA LEU G 125 13.15 16.68 24.79
C LEU G 125 13.74 16.68 23.39
N ASP G 126 12.95 16.28 22.41
CA ASP G 126 13.38 16.23 21.02
C ASP G 126 12.30 16.88 20.14
N VAL G 127 12.63 18.03 19.56
CA VAL G 127 11.68 18.74 18.70
C VAL G 127 11.58 18.13 17.30
N LYS G 128 10.41 18.27 16.69
CA LYS G 128 10.15 17.75 15.35
C LYS G 128 9.35 18.79 14.56
N THR G 129 9.66 18.95 13.27
CA THR G 129 8.95 19.92 12.46
C THR G 129 8.60 19.34 11.11
N ARG G 130 7.36 19.53 10.68
CA ARG G 130 6.94 19.01 9.38
C ARG G 130 6.15 20.00 8.57
N ASN G 131 6.41 20.02 7.27
CA ASN G 131 5.73 20.90 6.35
C ASN G 131 4.31 20.38 6.20
N ILE G 132 3.35 21.05 6.83
CA ILE G 132 1.95 20.61 6.77
C ILE G 132 1.34 20.77 5.38
N SER G 133 2.02 21.52 4.51
CA SER G 133 1.53 21.76 3.15
C SER G 133 1.73 20.54 2.25
N LYS G 134 1.95 19.38 2.85
CA LYS G 134 2.14 18.14 2.09
C LYS G 134 2.08 16.91 2.98
N SER G 135 1.35 15.90 2.53
CA SER G 135 1.21 14.65 3.28
C SER G 135 2.51 13.86 3.12
N ALA G 136 3.29 13.78 4.20
CA ALA G 136 4.56 13.08 4.16
C ALA G 136 4.60 11.84 5.05
N GLN G 137 5.73 11.14 5.03
CA GLN G 137 5.89 9.93 5.82
C GLN G 137 6.26 10.30 7.26
N ALA G 138 6.10 9.36 8.19
CA ALA G 138 6.46 9.63 9.57
C ALA G 138 7.97 9.82 9.63
N PRO G 139 8.43 10.91 10.28
CA PRO G 139 9.86 11.24 10.42
C PRO G 139 10.58 10.30 11.36
N ASN G 140 11.91 10.32 11.30
CA ASN G 140 12.69 9.47 12.19
C ASN G 140 12.54 10.03 13.61
N ILE G 141 12.14 9.18 14.54
CA ILE G 141 11.96 9.58 15.93
C ILE G 141 13.28 9.39 16.68
N ILE G 142 13.69 8.14 16.82
CA ILE G 142 14.96 7.77 17.47
C ILE G 142 15.40 6.41 16.98
N SER G 143 16.66 6.08 17.25
CA SER G 143 17.20 4.79 16.81
C SER G 143 16.61 3.63 17.59
N ALA G 144 16.10 2.65 16.85
CA ALA G 144 15.50 1.46 17.45
C ALA G 144 16.58 0.66 18.17
N TYR G 145 17.78 0.66 17.60
CA TYR G 145 18.89 -0.05 18.19
C TYR G 145 19.32 0.69 19.46
N LYS G 146 19.42 2.01 19.37
CA LYS G 146 19.80 2.83 20.52
C LYS G 146 18.80 2.65 21.66
N LEU G 147 17.53 2.51 21.29
CA LEU G 147 16.47 2.33 22.26
C LEU G 147 16.55 0.93 22.88
N ALA G 148 16.98 -0.05 22.08
CA ALA G 148 17.11 -1.42 22.56
C ALA G 148 18.22 -1.51 23.61
N GLN G 149 19.34 -0.84 23.33
CA GLN G 149 20.46 -0.84 24.26
C GLN G 149 20.04 -0.10 25.53
N THR G 150 19.23 0.96 25.36
CA THR G 150 18.76 1.75 26.48
C THR G 150 17.87 0.91 27.40
N CYS G 151 17.02 0.08 26.81
CA CYS G 151 16.15 -0.76 27.59
C CYS G 151 16.94 -1.84 28.32
N ALA G 152 17.89 -2.44 27.61
CA ALA G 152 18.72 -3.47 28.22
C ALA G 152 19.41 -2.90 29.46
N LYS G 153 20.15 -1.81 29.28
CA LYS G 153 20.85 -1.16 30.39
C LYS G 153 19.89 -0.75 31.50
N MET G 154 18.63 -0.48 31.16
CA MET G 154 17.63 -0.09 32.15
C MET G 154 17.27 -1.27 33.05
N ILE G 155 17.25 -2.47 32.46
CA ILE G 155 16.94 -3.69 33.21
C ILE G 155 18.12 -4.12 34.05
N ASP G 156 19.30 -4.15 33.43
CA ASP G 156 20.55 -4.54 34.09
C ASP G 156 20.73 -3.84 35.43
N ASN G 157 20.96 -2.53 35.40
CA ASN G 157 21.16 -1.76 36.62
C ASN G 157 19.85 -1.28 37.24
N LYS G 158 18.74 -1.81 36.75
CA LYS G 158 17.43 -1.46 37.26
C LYS G 158 17.23 0.04 37.48
N GLU G 159 16.96 0.78 36.40
CA GLU G 159 16.74 2.22 36.48
C GLU G 159 15.45 2.58 35.75
N PHE G 160 14.34 1.97 36.18
CA PHE G 160 13.04 2.20 35.57
C PHE G 160 12.44 3.52 36.01
N ASP G 161 13.24 4.35 36.66
CA ASP G 161 12.79 5.65 37.13
C ASP G 161 13.98 6.62 37.19
N LEU G 162 14.10 7.47 36.18
CA LEU G 162 15.20 8.41 36.11
C LEU G 162 15.09 9.42 34.97
N PHE G 163 14.68 8.96 33.79
CA PHE G 163 14.58 9.82 32.62
C PHE G 163 13.34 9.55 31.77
N ASP G 164 12.95 10.57 31.00
CA ASP G 164 11.81 10.45 30.10
C ASP G 164 12.22 10.92 28.70
N ILE G 165 11.64 10.28 27.68
CA ILE G 165 11.92 10.63 26.29
C ILE G 165 10.64 11.16 25.66
N ASN G 166 10.56 12.47 25.50
CA ASN G 166 9.37 13.11 24.94
C ASN G 166 9.68 13.86 23.65
N TYR G 167 8.66 14.06 22.81
CA TYR G 167 8.83 14.75 21.54
C TYR G 167 7.81 15.89 21.36
N LEU G 168 8.25 16.97 20.74
CA LEU G 168 7.37 18.11 20.50
C LEU G 168 7.31 18.40 19.00
N GLU G 169 6.11 18.28 18.42
CA GLU G 169 5.91 18.53 17.00
C GLU G 169 5.53 19.99 16.75
N VAL G 170 6.17 20.61 15.76
CA VAL G 170 5.88 22.00 15.41
C VAL G 170 5.57 22.08 13.93
N ASP G 171 4.29 22.01 13.60
CA ASP G 171 3.86 22.07 12.22
C ASP G 171 3.97 23.50 11.69
N TRP G 172 4.54 23.65 10.50
CA TRP G 172 4.68 24.98 9.88
C TRP G 172 4.30 24.91 8.41
N GLU G 173 4.04 26.09 7.82
CA GLU G 173 3.68 26.17 6.41
C GLU G 173 4.23 27.46 5.83
N LEU G 174 4.66 27.40 4.57
CA LEU G 174 5.22 28.57 3.90
C LEU G 174 4.21 29.71 3.87
N ASN G 175 4.68 30.92 4.19
CA ASN G 175 3.82 32.09 4.20
C ASN G 175 4.66 33.33 3.90
N GLY G 176 4.78 33.66 2.62
CA GLY G 176 5.56 34.81 2.21
C GLY G 176 7.05 34.52 2.14
N GLU G 177 7.84 35.40 2.75
CA GLU G 177 9.29 35.25 2.75
C GLU G 177 9.74 34.56 4.03
N ASP G 178 8.81 33.90 4.71
CA ASP G 178 9.11 33.22 5.96
C ASP G 178 8.14 32.08 6.24
N LEU G 179 8.54 31.19 7.15
CA LEU G 179 7.71 30.04 7.53
C LEU G 179 6.92 30.37 8.80
N VAL G 180 5.68 29.90 8.86
CA VAL G 180 4.83 30.15 10.03
C VAL G 180 4.30 28.87 10.64
N CYS G 181 4.17 28.86 11.96
CA CYS G 181 3.68 27.71 12.71
C CYS G 181 2.15 27.74 12.66
N VAL G 182 1.53 26.56 12.63
CA VAL G 182 0.07 26.49 12.58
C VAL G 182 -0.48 25.48 13.57
N SER G 183 0.40 24.73 14.20
CA SER G 183 -0.04 23.74 15.17
C SER G 183 1.13 23.09 15.92
N THR G 184 0.82 22.39 17.00
CA THR G 184 1.84 21.74 17.82
C THR G 184 1.27 20.45 18.39
N SER G 185 2.14 19.47 18.65
CA SER G 185 1.72 18.18 19.20
C SER G 185 2.76 17.65 20.17
N PHE G 186 2.32 17.30 21.37
CA PHE G 186 3.21 16.78 22.39
C PHE G 186 2.90 15.32 22.69
N ALA G 187 3.93 14.52 22.91
CA ALA G 187 3.75 13.11 23.20
C ALA G 187 4.93 12.55 23.98
N GLU G 188 4.70 11.50 24.75
CA GLU G 188 5.75 10.88 25.53
C GLU G 188 5.98 9.46 25.05
N LEU G 189 7.24 9.14 24.72
CA LEU G 189 7.58 7.81 24.24
C LEU G 189 7.15 6.69 25.16
N PHE G 190 7.54 6.80 26.43
CA PHE G 190 7.21 5.76 27.41
C PHE G 190 5.76 5.75 27.85
N LYS G 191 4.85 6.12 26.94
CA LYS G 191 3.42 6.13 27.25
C LYS G 191 2.63 5.44 26.15
N SER G 192 3.31 5.05 25.08
CA SER G 192 2.66 4.39 23.97
C SER G 192 2.87 2.88 24.01
N GLU G 193 2.32 2.17 23.04
CA GLU G 193 2.47 0.72 22.99
C GLU G 193 3.79 0.37 22.33
N PRO G 194 4.79 -0.04 23.14
CA PRO G 194 6.11 -0.40 22.63
C PRO G 194 6.09 -1.50 21.57
N SER G 195 5.07 -2.35 21.62
CA SER G 195 4.95 -3.43 20.66
C SER G 195 4.36 -2.91 19.36
N GLU G 196 3.89 -1.67 19.38
CA GLU G 196 3.30 -1.06 18.19
C GLU G 196 4.29 -0.21 17.41
N LEU G 197 5.32 0.29 18.08
CA LEU G 197 6.34 1.13 17.44
C LEU G 197 6.88 0.48 16.16
N TYR G 198 6.89 1.25 15.08
CA TYR G 198 7.39 0.76 13.80
C TYR G 198 8.88 1.05 13.64
N ILE G 199 9.63 0.05 13.22
CA ILE G 199 11.07 0.17 13.03
C ILE G 199 11.46 0.12 11.57
N ASN G 200 11.90 1.24 11.03
CA ASN G 200 12.32 1.30 9.63
C ASN G 200 13.82 1.04 9.59
N TRP G 201 14.21 -0.21 9.33
CA TRP G 201 15.62 -0.60 9.28
C TRP G 201 16.47 0.15 8.26
N ALA G 202 15.91 0.37 7.07
CA ALA G 202 16.63 1.08 6.03
C ALA G 202 16.83 2.54 6.40
N ALA G 203 15.86 3.13 7.09
CA ALA G 203 16.00 4.54 7.47
C ALA G 203 16.75 4.68 8.79
N ALA G 204 17.98 4.16 8.82
CA ALA G 204 18.82 4.22 10.00
C ALA G 204 18.26 3.47 11.20
N MET G 205 17.56 2.36 10.95
CA MET G 205 16.97 1.57 12.02
C MET G 205 16.24 2.51 12.98
N GLN G 206 15.50 3.47 12.42
CA GLN G 206 14.78 4.46 13.22
C GLN G 206 13.31 4.15 13.47
N ILE G 207 12.81 4.53 14.64
CA ILE G 207 11.41 4.33 14.95
C ILE G 207 10.73 5.47 14.20
N GLN G 208 9.63 5.17 13.50
CA GLN G 208 8.94 6.21 12.75
C GLN G 208 7.46 6.33 13.09
N PHE G 209 7.05 7.55 13.38
CA PHE G 209 5.67 7.85 13.70
C PHE G 209 5.49 9.36 13.81
N HIS G 210 4.25 9.82 13.66
CA HIS G 210 3.95 11.24 13.77
C HIS G 210 3.55 11.56 15.21
N VAL G 211 4.27 12.47 15.85
CA VAL G 211 3.98 12.86 17.23
C VAL G 211 2.48 12.98 17.45
N ARG G 212 1.80 13.63 16.50
CA ARG G 212 0.36 13.84 16.56
C ARG G 212 -0.47 12.57 16.71
N ASP G 213 -0.06 11.50 16.02
CA ASP G 213 -0.78 10.23 16.05
C ASP G 213 -0.26 9.22 17.08
N LEU G 214 0.82 9.56 17.77
CA LEU G 214 1.35 8.65 18.76
C LEU G 214 0.38 8.47 19.91
N ASP G 215 0.09 7.22 20.27
CA ASP G 215 -0.82 6.93 21.38
C ASP G 215 -0.14 7.20 22.72
N GLN G 216 -0.92 7.39 23.77
CA GLN G 216 -0.39 7.68 25.10
C GLN G 216 -1.15 6.94 26.20
N GLY G 217 -1.43 5.67 25.96
CA GLY G 217 -2.15 4.88 26.95
C GLY G 217 -1.53 3.52 27.18
N PHE G 218 -0.47 3.49 27.97
CA PHE G 218 0.22 2.24 28.27
C PHE G 218 -0.09 1.80 29.70
N ASN G 219 -0.58 0.57 29.82
CA ASN G 219 -0.93 0.00 31.12
C ASN G 219 0.24 -0.80 31.68
N GLY G 220 0.95 -0.21 32.65
CA GLY G 220 2.08 -0.90 33.24
C GLY G 220 3.18 0.04 33.69
N THR G 221 4.21 -0.51 34.32
CA THR G 221 5.33 0.29 34.81
C THR G 221 6.37 0.49 33.70
N ARG G 222 7.39 1.30 33.97
CA ARG G 222 8.43 1.56 32.99
C ARG G 222 9.21 0.27 32.71
N GLU G 223 9.29 -0.58 33.73
CA GLU G 223 10.01 -1.85 33.61
C GLU G 223 9.34 -2.74 32.57
N GLU G 224 8.01 -2.82 32.62
CA GLU G 224 7.27 -3.65 31.70
C GLU G 224 7.48 -3.18 30.25
N TRP G 225 7.80 -1.90 30.09
CA TRP G 225 8.04 -1.33 28.77
C TRP G 225 9.31 -1.91 28.16
N ALA G 226 10.42 -1.75 28.86
CA ALA G 226 11.70 -2.26 28.41
C ALA G 226 11.54 -3.73 28.02
N LYS G 227 11.02 -4.54 28.93
CA LYS G 227 10.80 -5.95 28.67
C LYS G 227 10.04 -6.11 27.37
N SER G 228 8.97 -5.33 27.23
CA SER G 228 8.12 -5.39 26.05
C SER G 228 8.81 -4.97 24.77
N TYR G 229 9.51 -3.85 24.81
CA TYR G 229 10.21 -3.34 23.64
C TYR G 229 11.21 -4.35 23.06
N LEU G 230 12.10 -4.84 23.91
CA LEU G 230 13.10 -5.81 23.50
C LEU G 230 12.44 -6.97 22.75
N LYS G 231 11.37 -7.50 23.32
CA LYS G 231 10.66 -8.61 22.70
C LYS G 231 10.22 -8.19 21.30
N HIS G 232 9.88 -6.92 21.14
CA HIS G 232 9.44 -6.39 19.86
C HIS G 232 10.60 -6.13 18.91
N PHE G 233 11.65 -5.46 19.41
CA PHE G 233 12.82 -5.15 18.61
C PHE G 233 13.50 -6.40 18.05
N VAL G 234 13.62 -7.43 18.89
CA VAL G 234 14.25 -8.68 18.47
C VAL G 234 13.47 -9.33 17.32
N THR G 235 12.16 -9.42 17.50
CA THR G 235 11.29 -10.01 16.49
C THR G 235 11.46 -9.34 15.13
N GLN G 236 11.30 -8.02 15.10
CA GLN G 236 11.43 -7.25 13.87
C GLN G 236 12.78 -7.47 13.20
N ALA G 237 13.82 -7.59 14.02
CA ALA G 237 15.17 -7.80 13.49
C ALA G 237 15.23 -9.13 12.74
N GLU G 238 14.59 -10.16 13.28
CA GLU G 238 14.58 -11.47 12.62
C GLU G 238 13.79 -11.39 11.33
N GLN G 239 12.68 -10.66 11.38
CA GLN G 239 11.83 -10.49 10.22
C GLN G 239 12.60 -9.78 9.11
N ARG G 240 13.39 -8.78 9.49
CA ARG G 240 14.19 -8.01 8.53
C ARG G 240 15.20 -8.91 7.84
N ALA G 241 15.81 -9.80 8.61
CA ALA G 241 16.80 -10.71 8.06
C ALA G 241 16.17 -11.57 6.96
N ILE G 242 14.93 -11.97 7.16
CA ILE G 242 14.22 -12.79 6.16
C ILE G 242 13.82 -11.95 4.96
N SER G 243 13.22 -10.79 5.22
CA SER G 243 12.76 -9.87 4.18
C SER G 243 13.87 -9.50 3.20
N MET G 244 15.09 -9.33 3.73
CA MET G 244 16.23 -8.96 2.90
C MET G 244 16.51 -9.96 1.78
N ILE G 245 16.50 -11.24 2.13
CA ILE G 245 16.76 -12.30 1.16
C ILE G 245 15.72 -12.30 0.05
N ASP G 246 14.46 -12.12 0.42
CA ASP G 246 13.35 -12.11 -0.53
C ASP G 246 13.20 -10.81 -1.30
N LYS G 247 14.08 -9.85 -1.06
CA LYS G 247 13.97 -8.56 -1.78
C LYS G 247 15.29 -8.04 -2.31
N PHE G 248 16.39 -8.32 -1.62
CA PHE G 248 17.70 -7.85 -2.05
C PHE G 248 18.62 -8.98 -2.52
N VAL G 249 18.16 -10.22 -2.42
CA VAL G 249 18.98 -11.37 -2.82
C VAL G 249 18.41 -12.14 -4.02
N LYS G 250 17.24 -12.74 -3.80
CA LYS G 250 16.57 -13.52 -4.85
C LYS G 250 16.34 -12.70 -6.14
N PRO G 251 15.77 -11.49 -6.01
CA PRO G 251 15.49 -10.65 -7.18
C PRO G 251 16.65 -10.45 -8.15
N PHE G 252 17.88 -10.49 -7.66
CA PHE G 252 19.03 -10.28 -8.53
C PHE G 252 19.91 -11.51 -8.66
N LYS G 253 19.49 -12.61 -8.05
CA LYS G 253 20.25 -13.85 -8.11
C LYS G 253 20.27 -14.39 -9.55
N LYS G 254 19.39 -13.84 -10.38
CA LYS G 254 19.27 -14.26 -11.79
C LYS G 254 20.27 -13.54 -12.68
N TYR G 255 20.98 -12.56 -12.14
CA TYR G 255 21.95 -11.80 -12.91
C TYR G 255 23.37 -12.29 -12.66
N ILE G 256 23.53 -13.15 -11.66
CA ILE G 256 24.84 -13.68 -11.32
C ILE G 256 25.06 -15.05 -11.95
N SER H 1 31.01 12.32 -19.87
CA SER H 1 31.24 13.44 -18.91
C SER H 1 31.58 14.74 -19.64
N PHE H 2 30.83 15.79 -19.34
CA PHE H 2 31.05 17.09 -19.98
C PHE H 2 31.67 18.04 -18.98
N ILE H 3 31.81 17.59 -17.74
CA ILE H 3 32.37 18.40 -16.66
C ILE H 3 33.88 18.22 -16.57
N LYS H 4 34.31 16.95 -16.61
CA LYS H 4 35.72 16.58 -16.51
C LYS H 4 36.61 17.45 -17.41
N PRO H 5 36.23 17.65 -18.68
CA PRO H 5 37.02 18.47 -19.61
C PRO H 5 37.28 19.88 -19.13
N ILE H 6 36.33 20.46 -18.41
CA ILE H 6 36.49 21.83 -17.91
C ILE H 6 36.64 21.87 -16.40
N TYR H 7 36.93 20.73 -15.78
CA TYR H 7 37.09 20.66 -14.33
C TYR H 7 38.20 21.57 -13.83
N GLN H 8 39.27 21.66 -14.61
CA GLN H 8 40.42 22.49 -14.26
C GLN H 8 40.01 23.93 -14.00
N ASP H 9 38.97 24.37 -14.69
CA ASP H 9 38.46 25.73 -14.55
C ASP H 9 37.55 25.89 -13.34
N ILE H 10 36.58 24.98 -13.23
CA ILE H 10 35.63 25.03 -12.12
C ILE H 10 36.34 24.87 -10.77
N ASN H 11 37.41 24.08 -10.75
CA ASN H 11 38.15 23.85 -9.52
C ASN H 11 38.83 25.13 -9.03
N SER H 12 39.15 26.02 -9.96
CA SER H 12 39.80 27.27 -9.62
C SER H 12 38.81 28.33 -9.15
N ILE H 13 37.71 28.49 -9.87
CA ILE H 13 36.70 29.48 -9.52
C ILE H 13 36.06 29.19 -8.16
N LEU H 14 35.85 27.92 -7.85
CA LEU H 14 35.24 27.53 -6.58
C LEU H 14 36.05 27.88 -5.34
N ILE H 15 37.34 27.58 -5.37
CA ILE H 15 38.23 27.83 -4.23
C ILE H 15 38.09 29.20 -3.58
N GLY H 16 37.57 29.20 -2.36
CA GLY H 16 37.39 30.42 -1.59
C GLY H 16 36.53 31.52 -2.18
N GLN H 17 35.24 31.48 -1.89
CA GLN H 17 34.32 32.50 -2.39
C GLN H 17 32.92 32.39 -1.80
N LYS H 18 32.28 33.55 -1.64
CA LYS H 18 30.93 33.64 -1.11
C LYS H 18 30.61 32.69 0.04
N VAL H 19 29.34 32.36 0.17
CA VAL H 19 28.84 31.46 1.21
C VAL H 19 29.03 32.05 2.61
N LYS H 20 27.96 32.64 3.13
CA LYS H 20 27.99 33.25 4.46
C LYS H 20 27.77 32.19 5.54
N ARG H 21 26.59 32.19 6.14
CA ARG H 21 26.27 31.21 7.18
C ARG H 21 24.79 31.22 7.52
N GLU H 34 24.36 23.05 -0.88
CA GLU H 34 24.30 24.48 -0.63
C GLU H 34 25.24 24.88 0.50
N PRO H 35 25.75 26.11 0.45
CA PRO H 35 25.43 27.05 -0.62
C PRO H 35 26.41 26.88 -1.78
N PHE H 36 27.41 26.03 -1.58
CA PHE H 36 28.41 25.79 -2.62
C PHE H 36 27.81 25.06 -3.81
N GLU H 37 26.78 24.26 -3.58
CA GLU H 37 26.14 23.53 -4.67
C GLU H 37 25.50 24.51 -5.65
N LYS H 38 25.12 25.68 -5.14
CA LYS H 38 24.52 26.69 -5.99
C LYS H 38 25.58 27.33 -6.88
N LEU H 39 26.76 27.58 -6.31
CA LEU H 39 27.86 28.17 -7.06
C LEU H 39 28.29 27.24 -8.19
N VAL H 40 28.14 25.95 -7.97
CA VAL H 40 28.49 24.95 -8.97
C VAL H 40 27.53 25.04 -10.15
N TYR H 41 26.24 25.13 -9.84
CA TYR H 41 25.21 25.24 -10.86
C TYR H 41 25.37 26.54 -11.65
N LYS H 42 25.72 27.60 -10.93
CA LYS H 42 25.91 28.91 -11.54
C LYS H 42 27.02 28.84 -12.59
N PHE H 43 28.15 28.24 -12.22
CA PHE H 43 29.29 28.12 -13.12
C PHE H 43 28.91 27.34 -14.38
N LEU H 44 28.42 26.12 -14.19
CA LEU H 44 28.01 25.29 -15.31
C LEU H 44 26.93 25.96 -16.15
N LYS H 45 26.14 26.82 -15.52
CA LYS H 45 25.07 27.50 -16.23
C LYS H 45 25.60 28.68 -17.06
N GLU H 46 26.91 28.71 -17.26
CA GLU H 46 27.54 29.77 -18.04
C GLU H 46 28.36 29.19 -19.17
N ASN H 47 29.27 28.28 -18.82
CA ASN H 47 30.13 27.64 -19.79
C ASN H 47 29.40 26.58 -20.60
N LEU H 48 28.61 25.77 -19.90
CA LEU H 48 27.84 24.71 -20.53
C LEU H 48 26.34 24.93 -20.29
N SER H 49 25.91 26.18 -20.39
CA SER H 49 24.51 26.54 -20.17
C SER H 49 23.56 26.05 -21.26
N ASP H 50 24.09 25.24 -22.18
CA ASP H 50 23.29 24.72 -23.28
C ASP H 50 22.92 23.26 -23.02
N LEU H 51 23.37 22.73 -21.89
CA LEU H 51 23.07 21.35 -21.53
C LEU H 51 23.15 21.12 -20.03
N THR H 52 23.07 22.20 -19.27
CA THR H 52 23.11 22.15 -17.81
C THR H 52 21.73 22.46 -17.24
N PHE H 53 21.12 21.47 -16.61
CA PHE H 53 19.79 21.64 -16.01
C PHE H 53 19.72 20.91 -14.68
N LYS H 54 18.77 21.29 -13.85
CA LYS H 54 18.57 20.66 -12.56
C LYS H 54 17.62 19.48 -12.82
N GLN H 55 17.61 18.48 -11.94
CA GLN H 55 16.75 17.32 -12.12
C GLN H 55 15.36 17.74 -12.62
N TYR H 56 14.63 18.48 -11.79
CA TYR H 56 13.28 18.93 -12.14
C TYR H 56 13.22 19.88 -13.32
N GLU H 57 14.30 20.62 -13.57
CA GLU H 57 14.32 21.53 -14.72
C GLU H 57 14.25 20.71 -16.00
N TYR H 58 15.06 19.65 -16.06
CA TYR H 58 15.07 18.80 -17.24
C TYR H 58 13.70 18.19 -17.48
N LEU H 59 13.00 17.89 -16.39
CA LEU H 59 11.67 17.30 -16.47
C LEU H 59 10.67 18.28 -17.05
N ASN H 60 10.71 19.52 -16.58
CA ASN H 60 9.79 20.51 -17.10
C ASN H 60 10.05 20.83 -18.56
N ASP H 61 11.30 20.67 -19.00
CA ASP H 61 11.66 20.95 -20.39
C ASP H 61 11.20 19.79 -21.28
N LEU H 62 11.38 18.57 -20.78
CA LEU H 62 10.99 17.39 -21.52
C LEU H 62 9.49 17.37 -21.78
N PHE H 63 8.69 17.62 -20.75
CA PHE H 63 7.25 17.61 -20.91
C PHE H 63 6.69 18.80 -21.68
N MET H 64 7.46 19.90 -21.72
CA MET H 64 7.01 21.08 -22.44
C MET H 64 7.27 20.97 -23.95
N LYS H 65 8.28 20.19 -24.32
CA LYS H 65 8.62 19.99 -25.74
C LYS H 65 7.67 18.98 -26.36
N ASN H 66 6.78 18.44 -25.53
CA ASN H 66 5.78 17.47 -25.95
C ASN H 66 4.44 17.84 -25.32
N PRO H 67 3.89 19.00 -25.72
CA PRO H 67 2.62 19.51 -25.20
C PRO H 67 1.40 18.62 -25.49
N ALA H 68 1.41 17.93 -26.63
CA ALA H 68 0.31 17.06 -27.01
C ALA H 68 0.30 15.75 -26.23
N ILE H 69 1.36 15.50 -25.47
CA ILE H 69 1.48 14.27 -24.69
C ILE H 69 0.88 14.44 -23.30
N ILE H 70 -0.28 13.81 -23.12
CA ILE H 70 -1.02 13.89 -21.86
C ILE H 70 -1.18 12.53 -21.20
N GLY H 71 -1.21 12.54 -19.86
CA GLY H 71 -1.34 11.30 -19.10
C GLY H 71 0.00 10.82 -18.62
N HIS H 72 0.02 10.10 -17.50
CA HIS H 72 1.28 9.60 -16.96
C HIS H 72 1.89 8.51 -17.83
N GLU H 73 1.06 7.60 -18.34
CA GLU H 73 1.55 6.52 -19.18
C GLU H 73 2.16 7.06 -20.48
N ALA H 74 1.51 8.05 -21.09
CA ALA H 74 2.00 8.64 -22.33
C ALA H 74 3.27 9.43 -22.13
N ARG H 75 3.32 10.20 -21.04
CA ARG H 75 4.50 11.00 -20.74
C ARG H 75 5.68 10.12 -20.33
N TYR H 76 5.42 9.05 -19.59
CA TYR H 76 6.51 8.18 -19.19
C TYR H 76 7.24 7.64 -20.42
N LYS H 77 6.53 7.55 -21.54
CA LYS H 77 7.13 7.06 -22.78
C LYS H 77 8.13 8.07 -23.33
N LEU H 78 8.04 9.33 -22.89
CA LEU H 78 8.96 10.36 -23.35
C LEU H 78 10.37 9.97 -22.94
N PHE H 79 10.45 9.05 -21.99
CA PHE H 79 11.73 8.51 -21.53
C PHE H 79 12.00 7.24 -22.31
N ASN H 80 12.59 7.38 -23.49
CA ASN H 80 12.90 6.22 -24.33
C ASN H 80 14.05 5.45 -23.68
N SER H 81 13.86 5.15 -22.40
CA SER H 81 14.87 4.43 -21.61
C SER H 81 14.31 4.06 -20.25
N PRO H 82 13.96 2.77 -20.07
CA PRO H 82 13.41 2.29 -18.79
C PRO H 82 14.35 2.62 -17.62
N THR H 83 15.66 2.52 -17.87
CA THR H 83 16.68 2.79 -16.84
C THR H 83 16.68 4.26 -16.42
N LEU H 84 16.71 5.15 -17.42
CA LEU H 84 16.72 6.59 -17.16
C LEU H 84 15.41 7.00 -16.50
N LEU H 85 14.31 6.41 -16.95
CA LEU H 85 13.00 6.67 -16.38
C LEU H 85 13.06 6.42 -14.89
N PHE H 86 13.48 5.21 -14.53
CA PHE H 86 13.58 4.81 -13.14
C PHE H 86 14.47 5.76 -12.34
N LEU H 87 15.43 6.36 -13.02
CA LEU H 87 16.38 7.28 -12.39
C LEU H 87 15.93 8.72 -12.26
N LEU H 88 15.17 9.21 -13.23
CA LEU H 88 14.73 10.60 -13.24
C LEU H 88 13.25 10.90 -13.02
N SER H 89 12.38 9.93 -13.31
CA SER H 89 10.94 10.14 -13.16
C SER H 89 10.52 10.54 -11.74
N ARG H 90 9.38 11.19 -11.62
CA ARG H 90 8.88 11.60 -10.31
C ARG H 90 7.88 10.58 -9.76
N GLY H 91 6.59 10.88 -9.86
CA GLY H 91 5.58 9.95 -9.37
C GLY H 91 4.46 9.81 -10.38
N LYS H 92 3.59 8.83 -10.18
CA LYS H 92 2.48 8.61 -11.11
C LYS H 92 1.52 9.81 -11.11
N ALA H 93 1.01 10.15 -9.93
CA ALA H 93 0.08 11.28 -9.81
C ALA H 93 0.78 12.61 -10.12
N ALA H 94 2.00 12.74 -9.62
CA ALA H 94 2.77 13.96 -9.84
C ALA H 94 3.00 14.19 -11.34
N THR H 95 3.19 13.11 -12.09
CA THR H 95 3.42 13.19 -13.53
C THR H 95 2.10 13.46 -14.26
N GLU H 96 1.01 12.96 -13.70
CA GLU H 96 -0.33 13.12 -14.27
C GLU H 96 -0.81 14.56 -14.16
N ASN H 97 -0.62 15.19 -13.00
CA ASN H 97 -1.08 16.55 -12.78
C ASN H 97 -0.12 17.64 -13.29
N TRP H 98 1.06 17.24 -13.74
CA TRP H 98 2.01 18.21 -14.26
C TRP H 98 1.41 18.96 -15.45
N SER H 99 1.79 20.23 -15.61
CA SER H 99 1.35 21.07 -16.74
C SER H 99 2.25 22.30 -16.80
N ILE H 100 2.17 23.03 -17.92
CA ILE H 100 2.98 24.24 -18.06
C ILE H 100 2.57 25.24 -16.99
N GLU H 101 1.39 25.02 -16.42
CA GLU H 101 0.88 25.92 -15.39
C GLU H 101 1.07 25.31 -14.00
N ASN H 102 1.61 24.10 -13.96
CA ASN H 102 1.85 23.40 -12.71
C ASN H 102 3.17 22.63 -12.82
N LEU H 103 4.25 23.38 -13.03
CA LEU H 103 5.59 22.82 -13.20
C LEU H 103 6.13 22.09 -11.98
N PHE H 104 7.14 21.26 -12.23
CA PHE H 104 7.79 20.50 -11.17
C PHE H 104 8.68 21.40 -10.33
N GLU H 105 8.91 20.99 -9.09
CA GLU H 105 9.75 21.75 -8.19
C GLU H 105 10.81 20.82 -7.61
N GLU H 106 11.70 21.37 -6.80
CA GLU H 106 12.75 20.59 -6.19
C GLU H 106 12.12 19.55 -5.28
N LYS H 107 12.74 18.36 -5.22
CA LYS H 107 12.27 17.28 -4.36
C LYS H 107 13.54 16.65 -3.76
N GLN H 108 13.65 16.65 -2.43
CA GLN H 108 14.85 16.13 -1.76
C GLN H 108 15.15 14.67 -2.04
N ASN H 109 14.34 14.09 -2.91
CA ASN H 109 14.49 12.70 -3.27
C ASN H 109 15.20 12.54 -4.60
N ASP H 110 15.21 13.61 -5.40
CA ASP H 110 15.84 13.57 -6.72
C ASP H 110 17.21 12.93 -6.71
N THR H 111 17.43 12.01 -7.67
CA THR H 111 18.69 11.31 -7.78
C THR H 111 19.92 12.21 -7.97
N ALA H 112 19.82 13.19 -8.86
CA ALA H 112 20.92 14.11 -9.15
C ALA H 112 20.67 15.58 -8.84
N ASP H 113 21.75 16.31 -8.57
CA ASP H 113 21.67 17.74 -8.27
C ASP H 113 21.62 18.48 -9.59
N ILE H 114 22.50 18.07 -10.49
CA ILE H 114 22.61 18.68 -11.80
C ILE H 114 22.65 17.58 -12.86
N LEU H 115 22.00 17.82 -13.98
CA LEU H 115 21.96 16.83 -15.04
C LEU H 115 22.47 17.42 -16.37
N LEU H 116 23.57 16.90 -16.88
CA LEU H 116 24.12 17.40 -18.14
C LEU H 116 23.88 16.40 -19.26
N VAL H 117 22.93 16.72 -20.13
CA VAL H 117 22.58 15.84 -21.25
C VAL H 117 23.10 16.41 -22.57
N LYS H 118 23.46 15.52 -23.49
CA LYS H 118 23.97 15.95 -24.79
C LYS H 118 24.05 14.75 -25.74
N ASP H 119 23.15 14.72 -26.71
CA ASP H 119 23.11 13.63 -27.70
C ASP H 119 22.88 12.25 -27.07
N GLN H 120 21.71 12.07 -26.47
CA GLN H 120 21.35 10.81 -25.82
C GLN H 120 22.21 10.45 -24.63
N PHE H 121 23.31 11.16 -24.43
CA PHE H 121 24.19 10.86 -23.30
C PHE H 121 23.89 11.79 -22.12
N TYR H 122 23.61 11.20 -20.96
CA TYR H 122 23.30 11.98 -19.77
C TYR H 122 24.38 11.80 -18.70
N GLU H 123 24.69 12.87 -17.99
CA GLU H 123 25.66 12.82 -16.91
C GLU H 123 25.02 13.28 -15.60
N LEU H 124 24.55 12.34 -14.79
CA LEU H 124 23.91 12.65 -13.52
C LEU H 124 24.96 13.06 -12.47
N LEU H 125 25.18 14.35 -12.33
CA LEU H 125 26.15 14.87 -11.37
C LEU H 125 25.56 15.00 -9.97
N ASP H 126 26.37 14.74 -8.95
CA ASP H 126 25.92 14.83 -7.56
C ASP H 126 27.02 15.48 -6.72
N VAL H 127 26.77 16.72 -6.31
CA VAL H 127 27.73 17.50 -5.52
C VAL H 127 27.72 17.17 -4.03
N LYS H 128 28.88 16.79 -3.51
CA LYS H 128 29.03 16.47 -2.10
C LYS H 128 29.87 17.55 -1.41
N THR H 129 29.54 17.85 -0.16
CA THR H 129 30.28 18.86 0.58
C THR H 129 30.65 18.33 1.97
N ARG H 130 31.90 18.50 2.35
CA ARG H 130 32.37 18.04 3.66
C ARG H 130 33.07 19.18 4.37
N ASN H 131 33.26 19.04 5.68
CA ASN H 131 33.93 20.06 6.46
C ASN H 131 35.33 19.59 6.84
N ILE H 132 36.33 20.06 6.10
CA ILE H 132 37.71 19.68 6.38
C ILE H 132 38.14 20.11 7.77
N SER H 133 37.33 20.95 8.40
CA SER H 133 37.62 21.44 9.75
C SER H 133 37.75 20.29 10.73
N LYS H 134 37.26 19.12 10.34
CA LYS H 134 37.33 17.94 11.20
C LYS H 134 37.12 16.65 10.41
N SER H 135 37.96 15.65 10.68
CA SER H 135 37.87 14.37 10.01
C SER H 135 36.56 13.68 10.37
N ALA H 136 35.75 13.40 9.35
CA ALA H 136 34.46 12.77 9.55
C ALA H 136 34.22 11.58 8.62
N GLN H 137 33.25 10.74 8.98
CA GLN H 137 32.89 9.56 8.21
C GLN H 137 32.51 9.96 6.78
N ALA H 138 32.59 9.00 5.86
CA ALA H 138 32.23 9.23 4.45
C ALA H 138 30.74 9.53 4.35
N PRO H 139 30.35 10.51 3.50
CA PRO H 139 28.94 10.88 3.32
C PRO H 139 28.18 9.91 2.43
N ASN H 140 26.85 9.98 2.45
CA ASN H 140 26.07 9.10 1.59
C ASN H 140 26.35 9.44 0.15
N ILE H 141 26.29 8.43 -0.72
CA ILE H 141 26.54 8.60 -2.14
C ILE H 141 25.29 8.28 -2.97
N ILE H 142 24.79 7.05 -2.83
CA ILE H 142 23.60 6.58 -3.52
C ILE H 142 23.08 5.31 -2.88
N SER H 143 21.76 5.09 -2.99
CA SER H 143 21.14 3.89 -2.44
C SER H 143 21.63 2.66 -3.18
N ALA H 144 22.31 1.77 -2.46
CA ALA H 144 22.83 0.54 -3.06
C ALA H 144 21.71 -0.19 -3.79
N TYR H 145 20.50 -0.14 -3.25
CA TYR H 145 19.34 -0.78 -3.85
C TYR H 145 18.91 -0.08 -5.15
N LYS H 146 19.10 1.24 -5.21
CA LYS H 146 18.75 1.97 -6.41
C LYS H 146 19.75 1.60 -7.50
N LEU H 147 21.01 1.48 -7.12
CA LEU H 147 22.09 1.13 -8.04
C LEU H 147 21.93 -0.32 -8.48
N ALA H 148 21.52 -1.18 -7.55
CA ALA H 148 21.32 -2.58 -7.89
C ALA H 148 20.28 -2.66 -8.99
N GLN H 149 19.14 -1.97 -8.81
CA GLN H 149 18.07 -1.98 -9.80
C GLN H 149 18.53 -1.32 -11.09
N THR H 150 19.27 -0.23 -10.97
CA THR H 150 19.77 0.48 -12.12
C THR H 150 20.61 -0.46 -12.98
N CYS H 151 21.57 -1.13 -12.37
CA CYS H 151 22.43 -2.07 -13.08
C CYS H 151 21.61 -3.17 -13.72
N ALA H 152 20.66 -3.69 -12.94
CA ALA H 152 19.79 -4.76 -13.43
C ALA H 152 19.00 -4.31 -14.65
N LYS H 153 18.59 -3.04 -14.66
CA LYS H 153 17.83 -2.48 -15.78
C LYS H 153 18.69 -2.23 -17.01
N MET H 154 20.00 -2.12 -16.77
CA MET H 154 20.92 -1.89 -17.87
C MET H 154 21.09 -3.19 -18.65
N ILE H 155 21.13 -4.31 -17.93
CA ILE H 155 21.29 -5.62 -18.54
C ILE H 155 20.03 -6.01 -19.31
N ASP H 156 18.89 -5.97 -18.62
CA ASP H 156 17.61 -6.32 -19.24
C ASP H 156 17.37 -5.56 -20.54
N ASN H 157 17.55 -4.24 -20.50
CA ASN H 157 17.34 -3.39 -21.68
C ASN H 157 18.61 -3.18 -22.48
N LYS H 158 19.68 -3.87 -22.07
CA LYS H 158 20.96 -3.77 -22.75
C LYS H 158 21.35 -2.31 -22.99
N GLU H 159 21.17 -1.48 -21.97
CA GLU H 159 21.52 -0.06 -22.07
C GLU H 159 22.87 0.24 -21.43
N PHE H 160 23.87 0.45 -22.28
CA PHE H 160 25.22 0.78 -21.81
C PHE H 160 25.66 2.00 -22.61
N ASP H 161 26.63 2.73 -22.09
CA ASP H 161 27.11 3.93 -22.79
C ASP H 161 25.95 4.89 -23.05
N LEU H 162 25.12 5.11 -22.03
CA LEU H 162 23.97 6.01 -22.13
C LEU H 162 24.09 7.16 -21.13
N PHE H 163 24.35 6.81 -19.87
CA PHE H 163 24.47 7.80 -18.81
C PHE H 163 25.62 7.54 -17.86
N ASP H 164 26.07 8.58 -17.19
CA ASP H 164 27.17 8.47 -16.24
C ASP H 164 26.82 9.15 -14.91
N ILE H 165 27.18 8.51 -13.81
CA ILE H 165 26.91 9.06 -12.49
C ILE H 165 28.23 9.49 -11.86
N ASN H 166 28.52 10.79 -11.90
CA ASN H 166 29.76 11.31 -11.35
C ASN H 166 29.53 12.16 -10.11
N TYR H 167 30.61 12.47 -9.38
CA TYR H 167 30.51 13.27 -8.17
C TYR H 167 31.55 14.37 -8.07
N LEU H 168 31.20 15.45 -7.39
CA LEU H 168 32.10 16.58 -7.20
C LEU H 168 32.11 16.99 -5.73
N GLU H 169 33.23 16.72 -5.06
CA GLU H 169 33.39 17.04 -3.64
C GLU H 169 33.83 18.49 -3.44
N VAL H 170 33.22 19.17 -2.47
CA VAL H 170 33.56 20.57 -2.19
C VAL H 170 33.97 20.71 -0.74
N ASP H 171 35.25 20.96 -0.49
CA ASP H 171 35.75 21.12 0.86
C ASP H 171 35.70 22.58 1.30
N TRP H 172 35.42 22.81 2.58
CA TRP H 172 35.32 24.16 3.12
C TRP H 172 35.62 24.17 4.61
N GLU H 173 35.64 25.37 5.19
CA GLU H 173 35.89 25.50 6.62
C GLU H 173 35.07 26.62 7.28
N LEU H 174 35.72 27.69 7.71
CA LEU H 174 34.98 28.77 8.36
C LEU H 174 35.75 30.09 8.39
N ASN H 175 36.13 30.52 9.59
CA ASN H 175 36.87 31.78 9.76
C ASN H 175 36.08 33.01 9.33
N GLY H 176 35.53 33.71 10.31
CA GLY H 176 34.77 34.91 10.01
C GLY H 176 33.31 34.72 9.65
N GLU H 177 32.63 33.85 10.38
CA GLU H 177 31.20 33.59 10.13
C GLU H 177 30.93 32.89 8.81
N ASP H 178 31.63 33.29 7.75
CA ASP H 178 31.44 32.71 6.44
C ASP H 178 32.12 31.35 6.25
N LEU H 179 31.81 30.72 5.13
CA LEU H 179 32.36 29.41 4.79
C LEU H 179 33.11 29.56 3.47
N VAL H 180 34.40 29.21 3.48
CA VAL H 180 35.21 29.32 2.27
C VAL H 180 35.67 27.97 1.73
N CYS H 181 35.60 27.83 0.41
CA CYS H 181 36.01 26.60 -0.25
C CYS H 181 37.54 26.53 -0.21
N VAL H 182 38.06 25.38 0.21
CA VAL H 182 39.51 25.21 0.32
C VAL H 182 40.03 24.21 -0.72
N SER H 183 39.17 23.31 -1.17
CA SER H 183 39.56 22.32 -2.15
C SER H 183 38.35 21.64 -2.78
N THR H 184 38.59 20.85 -3.81
CA THR H 184 37.54 20.13 -4.53
C THR H 184 38.08 18.82 -5.09
N SER H 185 37.18 17.95 -5.55
CA SER H 185 37.59 16.66 -6.12
C SER H 185 36.52 16.18 -7.10
N PHE H 186 36.92 15.35 -8.05
CA PHE H 186 36.00 14.80 -9.04
C PHE H 186 36.20 13.30 -9.17
N ALA H 187 35.15 12.58 -9.56
CA ALA H 187 35.24 11.14 -9.73
C ALA H 187 34.01 10.57 -10.43
N GLU H 188 34.19 9.42 -11.08
CA GLU H 188 33.12 8.76 -11.80
C GLU H 188 32.83 7.41 -11.14
N LEU H 189 31.55 7.17 -10.86
CA LEU H 189 31.14 5.93 -10.22
C LEU H 189 31.53 4.70 -11.02
N PHE H 190 31.06 4.65 -12.26
CA PHE H 190 31.31 3.52 -13.16
C PHE H 190 32.77 3.37 -13.56
N LYS H 191 33.67 4.06 -12.85
CA LYS H 191 35.09 3.98 -13.14
C LYS H 191 35.85 3.36 -11.98
N SER H 192 35.15 3.07 -10.88
CA SER H 192 35.75 2.47 -9.70
C SER H 192 35.40 0.98 -9.68
N GLU H 193 36.03 0.23 -8.79
CA GLU H 193 35.79 -1.21 -8.69
C GLU H 193 34.49 -1.48 -7.95
N PRO H 194 33.47 -1.97 -8.67
CA PRO H 194 32.16 -2.27 -8.09
C PRO H 194 32.16 -3.23 -6.91
N SER H 195 33.27 -3.91 -6.67
CA SER H 195 33.34 -4.85 -5.57
C SER H 195 33.98 -4.26 -4.32
N GLU H 196 34.52 -3.06 -4.44
CA GLU H 196 35.18 -2.40 -3.32
C GLU H 196 34.28 -1.35 -2.68
N LEU H 197 33.17 -1.06 -3.35
CA LEU H 197 32.20 -0.07 -2.86
C LEU H 197 31.59 -0.55 -1.55
N TYR H 198 31.75 0.25 -0.49
CA TYR H 198 31.19 -0.13 0.80
C TYR H 198 29.69 0.19 0.84
N ILE H 199 28.90 -0.75 1.36
CA ILE H 199 27.45 -0.57 1.43
C ILE H 199 26.94 -0.54 2.88
N ASN H 200 26.67 0.67 3.37
CA ASN H 200 26.18 0.86 4.73
C ASN H 200 24.66 0.70 4.76
N TRP H 201 24.20 -0.51 5.08
CA TRP H 201 22.77 -0.80 5.11
C TRP H 201 21.96 0.07 6.07
N ALA H 202 22.53 0.34 7.24
CA ALA H 202 21.85 1.16 8.24
C ALA H 202 21.72 2.59 7.76
N ALA H 203 22.70 3.07 7.00
CA ALA H 203 22.65 4.44 6.49
C ALA H 203 21.89 4.46 5.17
N ALA H 204 20.61 4.12 5.24
CA ALA H 204 19.73 4.08 4.07
C ALA H 204 20.29 3.21 2.96
N MET H 205 20.94 2.12 3.34
CA MET H 205 21.53 1.21 2.36
C MET H 205 22.34 2.00 1.32
N GLN H 206 22.93 3.11 1.77
CA GLN H 206 23.72 3.98 0.88
C GLN H 206 25.19 3.59 0.83
N ILE H 207 25.79 3.64 -0.35
CA ILE H 207 27.21 3.34 -0.46
C ILE H 207 27.90 4.63 0.00
N GLN H 208 29.02 4.50 0.71
CA GLN H 208 29.70 5.68 1.20
C GLN H 208 31.18 5.75 0.84
N PHE H 209 31.64 6.96 0.53
CA PHE H 209 33.04 7.18 0.19
C PHE H 209 33.27 8.65 -0.06
N HIS H 210 34.51 9.08 0.18
CA HIS H 210 34.90 10.47 -0.06
C HIS H 210 35.39 10.53 -1.50
N VAL H 211 34.82 11.44 -2.29
CA VAL H 211 35.22 11.59 -3.68
C VAL H 211 36.73 11.62 -3.88
N ARG H 212 37.42 12.38 -3.02
CA ARG H 212 38.87 12.51 -3.10
C ARG H 212 39.64 11.24 -2.75
N ASP H 213 38.97 10.09 -2.74
CA ASP H 213 39.63 8.83 -2.41
C ASP H 213 39.15 7.64 -3.25
N LEU H 214 38.10 7.83 -4.04
CA LEU H 214 37.58 6.75 -4.87
C LEU H 214 38.54 6.42 -6.00
N ASP H 215 38.83 5.14 -6.17
CA ASP H 215 39.74 4.68 -7.22
C ASP H 215 39.10 4.87 -8.59
N GLN H 216 39.94 5.02 -9.62
CA GLN H 216 39.47 5.23 -10.98
C GLN H 216 40.12 4.28 -11.97
N GLY H 217 40.41 3.06 -11.51
CA GLY H 217 41.04 2.09 -12.38
C GLY H 217 40.21 0.86 -12.67
N PHE H 218 39.34 0.96 -13.67
CA PHE H 218 38.48 -0.16 -14.07
C PHE H 218 38.60 -0.37 -15.57
N ASN H 219 39.50 -1.25 -15.98
CA ASN H 219 39.71 -1.55 -17.40
C ASN H 219 38.77 -2.66 -17.86
N GLY H 220 37.48 -2.35 -17.92
CA GLY H 220 36.50 -3.34 -18.35
C GLY H 220 35.32 -2.71 -19.07
N THR H 221 34.24 -3.47 -19.23
CA THR H 221 33.05 -2.98 -19.91
C THR H 221 31.96 -2.59 -18.90
N ARG H 222 31.20 -1.55 -19.25
CA ARG H 222 30.12 -1.08 -18.39
C ARG H 222 29.21 -2.25 -18.02
N GLU H 223 29.00 -3.16 -18.97
CA GLU H 223 28.16 -4.33 -18.74
C GLU H 223 28.73 -5.19 -17.62
N GLU H 224 30.04 -5.43 -17.65
CA GLU H 224 30.68 -6.24 -16.61
C GLU H 224 30.63 -5.49 -15.28
N TRP H 225 30.66 -4.17 -15.34
CA TRP H 225 30.60 -3.38 -14.12
C TRP H 225 29.28 -3.67 -13.42
N ALA H 226 28.18 -3.64 -14.16
CA ALA H 226 26.85 -3.90 -13.61
C ALA H 226 26.77 -5.31 -13.05
N LYS H 227 27.20 -6.27 -13.86
CA LYS H 227 27.20 -7.68 -13.48
C LYS H 227 28.02 -7.84 -12.20
N SER H 228 29.16 -7.16 -12.15
CA SER H 228 30.03 -7.26 -11.00
C SER H 228 29.41 -6.66 -9.75
N TYR H 229 28.86 -5.45 -9.88
CA TYR H 229 28.24 -4.80 -8.73
C TYR H 229 27.13 -5.65 -8.12
N LEU H 230 26.24 -6.18 -8.97
CA LEU H 230 25.13 -7.00 -8.49
C LEU H 230 25.62 -8.19 -7.66
N LYS H 231 26.71 -8.81 -8.10
CA LYS H 231 27.28 -9.93 -7.37
C LYS H 231 27.71 -9.43 -6.00
N HIS H 232 28.30 -8.23 -5.97
CA HIS H 232 28.76 -7.61 -4.74
C HIS H 232 27.58 -7.24 -3.86
N PHE H 233 26.52 -6.73 -4.49
CA PHE H 233 25.32 -6.32 -3.76
C PHE H 233 24.63 -7.50 -3.10
N VAL H 234 24.36 -8.55 -3.88
CA VAL H 234 23.69 -9.74 -3.37
C VAL H 234 24.46 -10.38 -2.22
N THR H 235 25.76 -10.53 -2.41
CA THR H 235 26.63 -11.10 -1.39
C THR H 235 26.55 -10.32 -0.07
N GLN H 236 26.75 -9.00 -0.16
CA GLN H 236 26.69 -8.16 1.02
C GLN H 236 25.30 -8.15 1.64
N ALA H 237 24.30 -8.42 0.80
CA ALA H 237 22.92 -8.46 1.29
C ALA H 237 22.79 -9.70 2.16
N GLU H 238 23.50 -10.76 1.80
CA GLU H 238 23.44 -12.00 2.57
C GLU H 238 24.23 -11.88 3.87
N GLN H 239 25.33 -11.12 3.82
CA GLN H 239 26.15 -10.93 5.01
C GLN H 239 25.39 -10.10 6.03
N ARG H 240 24.67 -9.09 5.56
CA ARG H 240 23.88 -8.23 6.45
C ARG H 240 22.78 -9.05 7.10
N ALA H 241 22.20 -9.98 6.33
CA ALA H 241 21.13 -10.84 6.83
C ALA H 241 21.66 -11.69 7.97
N ILE H 242 22.96 -11.98 7.92
CA ILE H 242 23.63 -12.78 8.95
C ILE H 242 23.97 -11.89 10.14
N SER H 243 24.72 -10.82 9.87
CA SER H 243 25.13 -9.86 10.90
C SER H 243 23.93 -9.29 11.63
N MET H 244 22.78 -9.39 10.97
CA MET H 244 21.52 -8.89 11.52
C MET H 244 21.19 -9.66 12.81
N ILE H 245 21.28 -10.99 12.72
CA ILE H 245 20.99 -11.87 13.85
C ILE H 245 22.06 -11.86 14.92
N ASP H 246 23.31 -11.73 14.48
CA ASP H 246 24.46 -11.73 15.38
C ASP H 246 24.58 -10.48 16.24
N LYS H 247 24.07 -9.35 15.74
CA LYS H 247 24.18 -8.10 16.47
C LYS H 247 22.89 -7.55 17.08
N PHE H 248 21.76 -7.83 16.44
CA PHE H 248 20.47 -7.32 16.93
C PHE H 248 19.54 -8.39 17.52
N VAL H 249 20.00 -9.64 17.56
CA VAL H 249 19.18 -10.72 18.09
C VAL H 249 19.80 -11.39 19.32
N LYS H 250 20.82 -12.21 19.09
CA LYS H 250 21.50 -12.94 20.17
C LYS H 250 21.81 -12.07 21.39
N PRO H 251 22.42 -10.89 21.17
CA PRO H 251 22.77 -10.01 22.28
C PRO H 251 21.63 -9.68 23.24
N PHE H 252 20.41 -9.54 22.72
CA PHE H 252 19.27 -9.19 23.57
C PHE H 252 18.32 -10.38 23.77
N LYS H 253 18.61 -11.50 23.12
CA LYS H 253 17.76 -12.69 23.23
C LYS H 253 17.56 -13.09 24.70
N LYS H 254 18.54 -12.75 25.53
CA LYS H 254 18.50 -13.06 26.95
C LYS H 254 17.55 -12.17 27.73
N TYR H 255 16.60 -11.56 27.02
CA TYR H 255 15.63 -10.66 27.65
C TYR H 255 14.20 -11.13 27.40
N ILE H 256 14.04 -12.03 26.43
CA ILE H 256 12.72 -12.56 26.09
C ILE H 256 12.49 -13.94 26.70
#